data_4J5P
#
_entry.id   4J5P
#
_cell.length_a   104.067
_cell.length_b   104.067
_cell.length_c   261.034
_cell.angle_alpha   90.00
_cell.angle_beta   90.00
_cell.angle_gamma   120.00
#
_symmetry.space_group_name_H-M   'P 32 2 1'
#
loop_
_entity.id
_entity.type
_entity.pdbx_description
1 polymer 'Fatty-acid amide hydrolase 1'
2 non-polymer (1S)-1-{5-[5-(bromomethyl)pyridin-2-yl]-1,3-oxazol-2-yl}-7-phenylheptan-1-ol
3 non-polymer DI(HYDROXYETHYL)ETHER
4 non-polymer 'CHLORIDE ION'
5 water water
#
_entity_poly.entity_id   1
_entity_poly.type   'polypeptide(L)'
_entity_poly.pdbx_seq_one_letter_code
;MGSSHHHHHHSSGLVPRGSHMASRWTGRQKARGAATRARQKQRASLETMDKAVQRFRLQNPDLDSEALLTLPLLQLVQKL
QSGELSPEAVFFTYLGKAWEVNKGTNCVTSYLTDCETQLSQAPRQGLLYGVPVSLKECFSYKGHDSTLGLSLNEGMPSES
DCVVVQVLKLQGAVPFVHTNVPQSMFSYDCSNPLFGQTMNPWKSSKSPGGSSGGEGALIGSGGSPLGLGTDIGGSIRFPS
AFCGICGLKPTGNRLSKSGLKGCVYGQTAVQLSLGPMARDVESLALCLKALLCEHLFTLDPTVPPLPFREEVYRSSRPLR
VGYYETDNYTMPSPAMRRALIETKQRLEAAGHTLIPFLPNNIPYALEVLSTGGLFSDGGRSFLQNFKGDFVDPCLGDLIL
ILRLPSWFKRLLSLLLKPLFPRLAAFLNNMRPRSAEKLWKLQHEIEMYRQSVIAQWKAMNLDVLLTPMLGPALDLNTPGR
ATGAVSYTMLYNCLDFPAGVVPVTTVTAEDDAQMELYKGYFGDIWDIILKKAMKNSVGLPVAVQCVALPWQEELCLRFMR
EVEQLMTPQKQPS
;
_entity_poly.pdbx_strand_id   A,B
#
loop_
_chem_comp.id
_chem_comp.type
_chem_comp.name
_chem_comp.formula
BR1 non-polymer (1S)-1-{5-[5-(bromomethyl)pyridin-2-yl]-1,3-oxazol-2-yl}-7-phenylheptan-1-ol 'C22 H25 Br N2 O2'
CL non-polymer 'CHLORIDE ION' 'Cl -1'
PEG non-polymer DI(HYDROXYETHYL)ETHER 'C4 H10 O3'
#
# COMPACT_ATOMS: atom_id res chain seq x y z
N GLY A 27 32.06 30.44 7.10
CA GLY A 27 31.11 29.43 7.65
C GLY A 27 30.40 28.56 6.61
N ARG A 28 31.12 28.18 5.54
CA ARG A 28 30.58 27.35 4.40
C ARG A 28 31.63 26.40 3.80
N GLN A 29 32.66 26.04 4.59
CA GLN A 29 33.81 25.29 4.09
C GLN A 29 33.44 23.93 3.54
N LYS A 30 32.56 23.22 4.25
CA LYS A 30 32.13 21.87 3.85
C LYS A 30 31.47 21.94 2.48
N ALA A 31 30.56 22.88 2.33
CA ALA A 31 29.83 23.07 1.06
C ALA A 31 30.76 23.35 -0.11
N ARG A 32 31.68 24.28 0.09
CA ARG A 32 32.67 24.56 -0.96
C ARG A 32 33.51 23.31 -1.26
N GLY A 33 33.93 22.58 -0.21
CA GLY A 33 34.76 21.39 -0.40
C GLY A 33 34.03 20.37 -1.25
N ALA A 34 32.77 20.18 -0.87
CA ALA A 34 31.92 19.23 -1.50
C ALA A 34 31.79 19.55 -2.96
N ALA A 35 31.40 20.77 -3.26
CA ALA A 35 31.28 21.21 -4.66
C ALA A 35 32.57 20.97 -5.48
N THR A 36 33.73 21.15 -4.83
CA THR A 36 35.00 21.02 -5.50
C THR A 36 35.27 19.56 -5.78
N ARG A 37 35.14 18.71 -4.77
CA ARG A 37 35.32 17.29 -5.00
C ARG A 37 34.36 16.83 -6.11
N ALA A 38 33.09 17.23 -5.99
CA ALA A 38 32.09 16.81 -6.94
C ALA A 38 32.36 17.32 -8.37
N ARG A 39 32.75 18.58 -8.48
CA ARG A 39 33.19 19.06 -9.80
C ARG A 39 34.33 18.21 -10.35
N GLN A 40 35.32 17.87 -9.51
CA GLN A 40 36.46 16.98 -9.92
C GLN A 40 35.97 15.63 -10.42
N LYS A 41 35.08 14.98 -9.66
CA LYS A 41 34.64 13.62 -9.98
C LYS A 41 33.87 13.62 -11.26
N GLN A 42 33.10 14.69 -11.48
CA GLN A 42 32.36 14.83 -12.73
C GLN A 42 33.30 14.98 -13.92
N ARG A 43 34.25 15.87 -13.82
CA ARG A 43 35.25 16.05 -14.87
C ARG A 43 35.96 14.74 -15.22
N ALA A 44 36.42 14.05 -14.18
CA ALA A 44 37.18 12.81 -14.38
C ALA A 44 36.31 11.75 -15.03
N SER A 45 34.99 11.69 -14.66
CA SER A 45 34.06 10.75 -15.28
C SER A 45 33.94 11.00 -16.75
N LEU A 46 33.66 12.26 -17.10
CA LEU A 46 33.55 12.67 -18.51
C LEU A 46 34.81 12.37 -19.29
N GLU A 47 35.97 12.55 -18.65
CA GLU A 47 37.30 12.26 -19.26
C GLU A 47 37.43 10.75 -19.56
N THR A 48 37.09 9.94 -18.56
CA THR A 48 37.08 8.47 -18.70
C THR A 48 36.17 8.06 -19.88
N MET A 49 34.99 8.64 -19.93
CA MET A 49 34.05 8.34 -21.01
C MET A 49 34.66 8.65 -22.38
N ASP A 50 35.19 9.86 -22.51
CA ASP A 50 35.87 10.33 -23.73
C ASP A 50 36.97 9.32 -24.17
N LYS A 51 37.88 8.98 -23.25
CA LYS A 51 38.96 8.01 -23.52
C LYS A 51 38.39 6.70 -24.07
N ALA A 52 37.42 6.11 -23.36
CA ALA A 52 36.89 4.83 -23.75
C ALA A 52 36.23 4.91 -25.14
N VAL A 53 35.45 5.96 -25.36
CA VAL A 53 34.78 6.15 -26.66
C VAL A 53 35.80 6.31 -27.80
N GLN A 54 36.82 7.13 -27.57
CA GLN A 54 37.84 7.35 -28.59
C GLN A 54 38.56 6.05 -28.92
N ARG A 55 38.94 5.28 -27.89
CA ARG A 55 39.60 4.02 -28.12
C ARG A 55 38.69 3.10 -28.91
N PHE A 56 37.40 3.07 -28.56
CA PHE A 56 36.46 2.21 -29.27
C PHE A 56 36.32 2.59 -30.75
N ARG A 57 36.24 3.90 -31.02
CA ARG A 57 36.10 4.39 -32.39
C ARG A 57 37.26 4.04 -33.33
N LEU A 58 38.46 3.93 -32.77
CA LEU A 58 39.64 3.62 -33.59
C LEU A 58 39.75 2.13 -33.85
N GLN A 59 39.23 1.30 -32.96
CA GLN A 59 39.09 -0.13 -33.27
C GLN A 59 37.94 -0.39 -34.28
N ASN A 60 37.00 0.53 -34.44
CA ASN A 60 35.73 0.25 -35.13
C ASN A 60 35.30 1.42 -36.00
N PRO A 61 36.14 1.82 -36.95
CA PRO A 61 35.88 3.03 -37.74
C PRO A 61 34.70 2.92 -38.70
N ASP A 62 34.39 1.71 -39.15
CA ASP A 62 33.34 1.48 -40.13
C ASP A 62 32.03 1.02 -39.50
N LEU A 63 31.60 1.70 -38.45
CA LEU A 63 30.36 1.34 -37.77
C LEU A 63 29.43 2.53 -38.00
N ASP A 64 28.32 2.32 -38.70
CA ASP A 64 27.39 3.41 -38.93
C ASP A 64 26.77 3.76 -37.57
N SER A 65 27.29 4.83 -36.99
CA SER A 65 26.91 5.20 -35.65
C SER A 65 25.54 5.86 -35.64
N GLU A 66 25.26 6.75 -36.60
CA GLU A 66 23.97 7.45 -36.56
C GLU A 66 22.81 6.52 -36.87
N ALA A 67 23.05 5.47 -37.64
CA ALA A 67 22.00 4.46 -37.92
C ALA A 67 21.57 3.78 -36.64
N LEU A 68 22.57 3.44 -35.84
CA LEU A 68 22.37 2.80 -34.55
C LEU A 68 21.63 3.69 -33.54
N LEU A 69 21.99 4.96 -33.48
CA LEU A 69 21.47 5.85 -32.46
C LEU A 69 20.02 6.21 -32.68
N THR A 70 19.59 6.09 -33.93
CA THR A 70 18.22 6.45 -34.27
C THR A 70 17.27 5.26 -34.27
N LEU A 71 17.79 4.03 -34.19
CA LEU A 71 16.89 2.87 -34.03
C LEU A 71 15.93 3.07 -32.88
N PRO A 72 14.65 2.78 -33.08
CA PRO A 72 13.79 2.70 -31.91
C PRO A 72 14.26 1.59 -30.97
N LEU A 73 14.18 1.84 -29.67
CA LEU A 73 14.62 0.84 -28.68
C LEU A 73 14.19 -0.58 -28.98
N LEU A 74 12.92 -0.77 -29.34
CA LEU A 74 12.46 -2.10 -29.62
C LEU A 74 13.31 -2.78 -30.69
N GLN A 75 13.65 -2.05 -31.76
CA GLN A 75 14.50 -2.62 -32.79
C GLN A 75 15.91 -2.81 -32.33
N LEU A 76 16.42 -1.88 -31.52
CA LEU A 76 17.77 -2.00 -30.95
C LEU A 76 17.88 -3.31 -30.17
N VAL A 77 16.93 -3.52 -29.29
CA VAL A 77 16.83 -4.73 -28.48
C VAL A 77 16.77 -5.99 -29.34
N GLN A 78 16.03 -5.95 -30.42
CA GLN A 78 15.86 -7.14 -31.25
C GLN A 78 17.20 -7.49 -31.95
N LYS A 79 17.86 -6.46 -32.47
CA LYS A 79 19.18 -6.59 -33.08
C LYS A 79 20.26 -6.97 -32.08
N LEU A 80 20.13 -6.50 -30.84
CA LEU A 80 21.02 -7.00 -29.77
C LEU A 80 20.75 -8.48 -29.42
N GLN A 81 19.49 -8.91 -29.47
CA GLN A 81 19.12 -10.32 -29.20
C GLN A 81 19.60 -11.27 -30.28
N SER A 82 19.38 -10.92 -31.54
CA SER A 82 19.80 -11.75 -32.67
C SER A 82 21.33 -11.83 -32.82
N GLY A 83 22.06 -10.83 -32.29
CA GLY A 83 23.52 -10.78 -32.39
C GLY A 83 23.99 -10.00 -33.61
N GLU A 84 23.05 -9.28 -34.24
CA GLU A 84 23.36 -8.41 -35.38
C GLU A 84 24.10 -7.16 -34.91
N LEU A 85 23.96 -6.81 -33.64
CA LEU A 85 24.73 -5.72 -33.06
C LEU A 85 25.33 -6.20 -31.76
N SER A 86 26.62 -6.00 -31.60
CA SER A 86 27.28 -6.36 -30.37
C SER A 86 26.90 -5.35 -29.29
N PRO A 87 27.00 -5.77 -28.02
CA PRO A 87 26.79 -4.86 -26.89
C PRO A 87 27.84 -3.75 -26.82
N GLU A 88 29.08 -4.10 -27.04
CA GLU A 88 30.15 -3.10 -27.09
C GLU A 88 29.78 -2.00 -28.10
N ALA A 89 29.37 -2.38 -29.31
CA ALA A 89 28.97 -1.40 -30.33
C ALA A 89 27.86 -0.48 -29.91
N VAL A 90 26.84 -1.02 -29.26
CA VAL A 90 25.74 -0.20 -28.81
C VAL A 90 26.17 0.63 -27.63
N PHE A 91 26.94 0.04 -26.72
CA PHE A 91 27.32 0.71 -25.48
C PHE A 91 28.16 1.92 -25.82
N PHE A 92 29.24 1.72 -26.56
CA PHE A 92 30.21 2.80 -26.76
C PHE A 92 29.71 3.90 -27.69
N THR A 93 28.77 3.55 -28.59
CA THR A 93 28.12 4.54 -29.44
C THR A 93 27.25 5.45 -28.61
N TYR A 94 26.40 4.86 -27.74
CA TYR A 94 25.60 5.68 -26.84
C TYR A 94 26.51 6.46 -25.92
N LEU A 95 27.61 5.86 -25.51
CA LEU A 95 28.47 6.52 -24.53
C LEU A 95 29.06 7.76 -25.15
N GLY A 96 29.45 7.67 -26.41
CA GLY A 96 29.95 8.86 -27.12
C GLY A 96 28.86 9.92 -27.25
N LYS A 97 27.64 9.47 -27.48
CA LYS A 97 26.57 10.37 -27.80
C LYS A 97 26.23 11.13 -26.55
N ALA A 98 26.22 10.40 -25.43
CA ALA A 98 25.98 10.97 -24.14
C ALA A 98 27.01 12.04 -23.84
N TRP A 99 28.27 11.67 -24.01
CA TRP A 99 29.37 12.60 -23.80
C TRP A 99 29.15 13.88 -24.63
N GLU A 100 28.82 13.72 -25.91
CA GLU A 100 28.60 14.87 -26.81
C GLU A 100 27.42 15.78 -26.37
N VAL A 101 26.28 15.21 -26.02
CA VAL A 101 25.11 16.06 -25.72
C VAL A 101 25.26 16.70 -24.38
N ASN A 102 26.07 16.11 -23.54
CA ASN A 102 26.33 16.67 -22.26
C ASN A 102 27.04 18.03 -22.36
N LYS A 103 27.82 18.27 -23.44
CA LYS A 103 28.52 19.54 -23.56
C LYS A 103 27.53 20.70 -23.47
N GLY A 104 26.45 20.62 -24.24
CA GLY A 104 25.44 21.66 -24.22
C GLY A 104 24.40 21.54 -23.12
N THR A 105 24.39 20.44 -22.37
CA THR A 105 23.31 20.25 -21.39
C THR A 105 23.68 20.11 -19.94
N ASN A 106 24.90 19.67 -19.63
CA ASN A 106 25.34 19.37 -18.27
C ASN A 106 24.33 18.46 -17.53
N CYS A 107 23.98 17.35 -18.17
CA CYS A 107 23.06 16.41 -17.63
C CYS A 107 23.68 15.22 -16.94
N VAL A 108 24.99 15.00 -17.12
CA VAL A 108 25.63 13.84 -16.55
C VAL A 108 26.49 14.23 -15.38
N THR A 109 26.25 13.60 -14.25
CA THR A 109 27.04 13.85 -13.00
C THR A 109 28.16 12.86 -12.78
N SER A 110 27.94 11.62 -13.20
CA SER A 110 28.89 10.52 -12.98
C SER A 110 28.78 9.44 -14.03
N TYR A 111 29.92 8.85 -14.37
CA TYR A 111 29.95 7.71 -15.29
C TYR A 111 29.99 6.51 -14.39
N LEU A 112 29.09 5.54 -14.56
CA LEU A 112 29.01 4.41 -13.64
C LEU A 112 30.13 3.42 -13.99
N THR A 113 31.35 3.78 -13.56
CA THR A 113 32.65 3.22 -14.06
C THR A 113 32.69 1.71 -14.29
N ASP A 114 32.07 0.94 -13.39
CA ASP A 114 32.19 -0.52 -13.51
C ASP A 114 31.40 -1.18 -14.65
N CYS A 115 30.71 -0.38 -15.48
CA CYS A 115 29.78 -0.91 -16.50
C CYS A 115 30.36 -1.54 -17.83
N GLU A 116 31.67 -1.49 -18.05
CA GLU A 116 32.27 -2.17 -19.21
C GLU A 116 32.39 -3.67 -18.87
N THR A 117 32.60 -3.92 -17.58
CA THR A 117 32.56 -5.24 -16.98
C THR A 117 31.14 -5.84 -16.99
N GLN A 118 30.14 -5.04 -16.61
CA GLN A 118 28.69 -5.41 -16.69
C GLN A 118 28.23 -5.76 -18.10
N LEU A 119 28.74 -5.05 -19.11
CA LEU A 119 28.58 -5.40 -20.55
C LEU A 119 28.82 -6.86 -20.87
N SER A 120 29.99 -7.37 -20.47
CA SER A 120 30.40 -8.73 -20.82
C SER A 120 29.64 -9.79 -20.00
N GLN A 121 29.28 -9.47 -18.76
CA GLN A 121 28.52 -10.39 -17.88
C GLN A 121 26.99 -10.38 -18.11
N ALA A 122 26.51 -9.57 -19.05
CA ALA A 122 25.06 -9.25 -19.17
C ALA A 122 24.15 -10.46 -19.53
N PRO A 123 23.19 -10.84 -18.64
CA PRO A 123 22.40 -12.04 -18.94
C PRO A 123 21.70 -12.07 -20.33
N ARG A 124 22.01 -13.10 -21.10
CA ARG A 124 21.82 -13.11 -22.55
C ARG A 124 20.34 -13.13 -23.01
N GLN A 125 19.47 -13.86 -22.31
CA GLN A 125 18.03 -13.88 -22.65
C GLN A 125 17.26 -12.81 -21.86
N GLY A 126 17.97 -11.94 -21.17
CA GLY A 126 17.35 -10.82 -20.52
C GLY A 126 16.62 -9.98 -21.55
N LEU A 127 15.47 -9.45 -21.12
CA LEU A 127 14.59 -8.65 -21.95
C LEU A 127 15.19 -7.32 -22.41
N LEU A 128 16.19 -6.83 -21.69
CA LEU A 128 16.94 -5.64 -22.04
C LEU A 128 18.45 -5.92 -22.31
N TYR A 129 18.78 -7.11 -22.80
CA TYR A 129 20.16 -7.46 -23.03
C TYR A 129 20.82 -6.36 -23.86
N GLY A 130 21.85 -5.74 -23.27
CA GLY A 130 22.76 -4.85 -23.97
C GLY A 130 22.30 -3.40 -24.07
N VAL A 131 21.16 -3.11 -23.46
CA VAL A 131 20.63 -1.74 -23.48
C VAL A 131 21.34 -0.83 -22.46
N PRO A 132 21.98 0.25 -22.92
CA PRO A 132 22.47 1.19 -21.96
C PRO A 132 21.31 1.94 -21.38
N VAL A 133 21.29 2.07 -20.06
CA VAL A 133 20.19 2.74 -19.39
C VAL A 133 20.75 3.84 -18.51
N SER A 134 20.12 5.01 -18.52
CA SER A 134 20.55 6.13 -17.69
C SER A 134 19.74 6.12 -16.44
N LEU A 135 20.31 6.66 -15.38
CA LEU A 135 19.73 6.64 -14.09
C LEU A 135 19.79 7.98 -13.40
N LYS A 136 18.62 8.42 -12.92
CA LYS A 136 18.54 9.59 -12.10
C LYS A 136 19.47 9.37 -10.91
N GLU A 137 20.13 10.42 -10.47
CA GLU A 137 21.15 10.32 -9.49
C GLU A 137 20.77 9.60 -8.22
N CYS A 138 19.49 9.58 -7.88
CA CYS A 138 19.02 9.00 -6.62
C CYS A 138 18.93 7.51 -6.64
N PHE A 139 18.99 6.93 -7.83
CA PHE A 139 19.03 5.48 -7.91
C PHE A 139 20.39 4.93 -7.53
N SER A 140 20.51 4.50 -6.28
CA SER A 140 21.76 4.06 -5.67
C SER A 140 22.55 3.04 -6.47
N TYR A 141 23.84 3.33 -6.62
CA TYR A 141 24.74 2.52 -7.42
C TYR A 141 25.98 2.27 -6.58
N LYS A 142 26.37 1.01 -6.52
CA LYS A 142 27.51 0.60 -5.69
C LYS A 142 28.73 1.43 -5.97
N GLY A 143 29.26 2.03 -4.93
CA GLY A 143 30.47 2.82 -5.03
C GLY A 143 30.35 4.22 -5.61
N HIS A 144 29.13 4.73 -5.76
CA HIS A 144 28.88 6.08 -6.18
C HIS A 144 27.99 6.81 -5.20
N ASP A 145 28.21 8.10 -5.10
CA ASP A 145 27.38 8.99 -4.31
C ASP A 145 26.07 9.12 -4.99
N SER A 146 25.04 9.33 -4.19
CA SER A 146 23.78 9.88 -4.60
C SER A 146 23.57 11.14 -3.77
N THR A 147 24.13 12.24 -4.28
CA THR A 147 24.22 13.49 -3.55
C THR A 147 22.93 14.24 -3.50
N LEU A 148 22.13 14.13 -4.56
CA LEU A 148 20.96 14.92 -4.64
C LEU A 148 21.32 16.43 -4.64
N GLY A 149 22.53 16.76 -5.07
CA GLY A 149 22.98 18.15 -5.11
C GLY A 149 23.28 18.71 -3.73
N LEU A 150 23.35 17.86 -2.72
CA LEU A 150 23.41 18.29 -1.34
C LEU A 150 24.77 17.92 -0.78
N SER A 151 25.41 18.82 -0.04
CA SER A 151 26.77 18.59 0.36
C SER A 151 26.85 17.52 1.46
N LEU A 152 25.84 17.49 2.31
CA LEU A 152 25.64 16.43 3.33
C LEU A 152 25.89 15.02 2.80
N ASN A 153 25.57 14.77 1.53
CA ASN A 153 25.61 13.45 0.91
C ASN A 153 26.80 13.25 0.01
N GLU A 154 27.67 14.24 -0.12
CA GLU A 154 28.90 14.08 -0.92
C GLU A 154 29.91 13.22 -0.16
N GLY A 155 30.61 12.37 -0.88
CA GLY A 155 31.59 11.49 -0.25
C GLY A 155 30.95 10.48 0.67
N MET A 156 29.74 10.05 0.32
CA MET A 156 29.01 9.01 1.09
C MET A 156 28.58 7.98 0.07
N PRO A 157 29.50 7.14 -0.40
CA PRO A 157 29.10 6.31 -1.50
C PRO A 157 28.26 5.15 -1.05
N SER A 158 27.48 4.67 -2.00
CA SER A 158 26.47 3.68 -1.75
C SER A 158 27.16 2.33 -1.58
N GLU A 159 26.69 1.55 -0.60
CA GLU A 159 27.23 0.24 -0.32
C GLU A 159 26.77 -0.78 -1.34
N SER A 160 25.69 -0.53 -2.05
CA SER A 160 25.12 -1.51 -2.99
C SER A 160 24.15 -0.82 -3.94
N ASP A 161 23.89 -1.50 -5.05
CA ASP A 161 22.92 -1.10 -5.99
C ASP A 161 21.53 -1.20 -5.41
N CYS A 162 20.65 -0.30 -5.78
CA CYS A 162 19.24 -0.41 -5.35
C CYS A 162 18.55 -1.50 -6.15
N VAL A 163 17.40 -1.94 -5.62
CA VAL A 163 16.69 -3.07 -6.18
C VAL A 163 16.41 -2.95 -7.65
N VAL A 164 15.87 -1.82 -8.10
CA VAL A 164 15.55 -1.69 -9.56
C VAL A 164 16.79 -1.70 -10.44
N VAL A 165 17.90 -1.21 -9.92
CA VAL A 165 19.20 -1.34 -10.64
C VAL A 165 19.60 -2.81 -10.77
N GLN A 166 19.37 -3.58 -9.72
CA GLN A 166 19.74 -5.00 -9.77
C GLN A 166 18.89 -5.68 -10.78
N VAL A 167 17.60 -5.39 -10.77
CA VAL A 167 16.69 -6.02 -11.74
C VAL A 167 17.03 -5.62 -13.18
N LEU A 168 17.36 -4.35 -13.40
CA LEU A 168 17.85 -3.91 -14.74
C LEU A 168 19.04 -4.76 -15.13
N LYS A 169 19.98 -4.93 -14.20
CA LYS A 169 21.19 -5.80 -14.49
C LYS A 169 20.85 -7.23 -14.78
N LEU A 170 19.99 -7.84 -13.95
CA LEU A 170 19.52 -9.20 -14.19
C LEU A 170 18.78 -9.38 -15.50
N GLN A 171 18.27 -8.29 -16.08
CA GLN A 171 17.54 -8.38 -17.37
C GLN A 171 18.44 -8.01 -18.56
N GLY A 172 19.73 -7.88 -18.26
CA GLY A 172 20.75 -7.66 -19.28
C GLY A 172 21.07 -6.22 -19.64
N ALA A 173 20.47 -5.24 -18.94
CA ALA A 173 20.74 -3.83 -19.22
C ALA A 173 22.03 -3.37 -18.64
N VAL A 174 22.53 -2.26 -19.14
CA VAL A 174 23.82 -1.70 -18.69
C VAL A 174 23.65 -0.26 -18.21
N PRO A 175 23.31 -0.09 -16.94
CA PRO A 175 23.24 1.26 -16.43
C PRO A 175 24.57 1.93 -16.62
N PHE A 176 24.63 3.09 -17.26
CA PHE A 176 25.93 3.69 -17.59
C PHE A 176 26.23 5.08 -17.06
N VAL A 177 25.20 5.84 -16.66
CA VAL A 177 25.41 7.20 -16.12
C VAL A 177 24.39 7.56 -15.03
N HIS A 178 24.84 8.34 -14.08
CA HIS A 178 23.95 9.12 -13.22
C HIS A 178 23.70 10.51 -13.80
N THR A 179 22.43 10.91 -13.83
CA THR A 179 22.00 12.19 -14.38
C THR A 179 21.52 13.17 -13.33
N ASN A 180 21.58 14.46 -13.67
CA ASN A 180 21.49 15.54 -12.69
C ASN A 180 20.06 15.77 -12.19
N VAL A 181 19.99 16.38 -11.00
CA VAL A 181 18.74 16.69 -10.35
C VAL A 181 18.88 18.03 -9.69
N PRO A 182 17.77 18.74 -9.54
CA PRO A 182 17.82 19.97 -8.75
C PRO A 182 18.15 19.66 -7.31
N GLN A 183 18.69 20.63 -6.60
CA GLN A 183 19.13 20.38 -5.26
C GLN A 183 17.95 19.84 -4.42
N SER A 184 18.14 18.66 -3.80
CA SER A 184 17.20 17.95 -2.91
C SER A 184 16.21 17.12 -3.69
N MET A 185 16.13 17.35 -4.98
CA MET A 185 15.17 16.74 -5.88
C MET A 185 13.76 17.36 -5.71
N PHE A 186 13.57 18.35 -4.84
CA PHE A 186 12.21 18.90 -4.66
C PHE A 186 12.01 20.22 -5.35
N SER A 187 11.63 20.11 -6.62
CA SER A 187 11.67 21.18 -7.60
C SER A 187 11.39 20.56 -8.97
N TYR A 188 10.73 21.32 -9.86
CA TYR A 188 10.66 20.94 -11.28
C TYR A 188 11.64 21.71 -12.19
N ASP A 189 12.71 22.21 -11.59
CA ASP A 189 13.86 22.77 -12.38
C ASP A 189 15.03 21.74 -12.17
N CYS A 190 16.27 22.04 -12.56
CA CYS A 190 17.36 21.02 -12.49
C CYS A 190 18.76 21.63 -12.30
N SER A 191 18.91 22.42 -11.24
CA SER A 191 20.18 22.93 -10.81
C SER A 191 20.52 22.68 -9.33
N ASN A 192 21.81 22.50 -9.08
CA ASN A 192 22.32 22.40 -7.72
C ASN A 192 23.73 22.93 -7.61
N PRO A 193 24.18 23.23 -6.39
CA PRO A 193 25.49 23.85 -6.13
C PRO A 193 26.68 22.90 -6.32
N LEU A 194 26.43 21.58 -6.44
CA LEU A 194 27.54 20.66 -6.70
C LEU A 194 27.83 20.54 -8.18
N PHE A 195 26.88 20.04 -8.96
CA PHE A 195 27.11 19.87 -10.42
C PHE A 195 26.59 21.03 -11.27
N GLY A 196 25.98 22.04 -10.65
CA GLY A 196 25.40 23.17 -11.39
C GLY A 196 24.07 22.91 -12.09
N GLN A 197 23.93 23.53 -13.26
CA GLN A 197 22.65 23.73 -13.89
C GLN A 197 22.48 22.93 -15.14
N THR A 198 21.45 22.12 -15.21
CA THR A 198 21.20 21.38 -16.44
C THR A 198 20.34 22.23 -17.34
N MET A 199 20.56 22.14 -18.63
CA MET A 199 19.80 22.95 -19.58
C MET A 199 19.00 22.10 -20.56
N ASN A 200 17.91 22.68 -21.05
CA ASN A 200 17.08 22.03 -22.04
C ASN A 200 17.87 21.96 -23.36
N PRO A 201 17.89 20.79 -23.97
CA PRO A 201 18.56 20.59 -25.24
C PRO A 201 17.88 21.21 -26.46
N TRP A 202 16.65 21.68 -26.33
CA TRP A 202 15.96 22.40 -27.41
C TRP A 202 16.21 23.91 -27.36
N LYS A 203 16.70 24.42 -26.24
CA LYS A 203 16.95 25.85 -26.14
C LYS A 203 17.60 26.03 -24.81
N SER A 204 18.82 26.53 -24.79
CA SER A 204 19.57 26.51 -23.56
C SER A 204 19.12 27.55 -22.58
N SER A 205 18.25 28.48 -22.98
CA SER A 205 17.68 29.44 -22.01
C SER A 205 16.57 28.79 -21.16
N LYS A 206 16.16 27.58 -21.56
CA LYS A 206 15.02 26.89 -20.95
C LYS A 206 15.38 25.77 -19.94
N SER A 207 14.51 25.55 -18.96
CA SER A 207 14.71 24.47 -18.02
C SER A 207 14.44 23.21 -18.78
N PRO A 208 15.11 22.12 -18.40
CA PRO A 208 14.73 20.80 -18.97
C PRO A 208 13.61 20.11 -18.17
N GLY A 209 13.25 20.71 -17.05
CA GLY A 209 12.25 20.16 -16.19
C GLY A 209 12.94 19.45 -15.06
N GLY A 210 12.16 18.90 -14.13
CA GLY A 210 12.74 18.17 -13.02
C GLY A 210 11.67 17.56 -12.13
N SER A 211 12.08 16.85 -11.07
CA SER A 211 13.51 16.69 -10.74
C SER A 211 14.30 15.68 -11.60
N SER A 212 13.67 14.91 -12.49
CA SER A 212 14.41 13.97 -13.34
C SER A 212 14.88 14.71 -14.62
N GLY A 213 15.46 15.89 -14.43
CA GLY A 213 15.76 16.75 -15.56
C GLY A 213 16.96 16.31 -16.37
N GLY A 214 17.94 15.75 -15.65
CA GLY A 214 19.08 15.11 -16.32
C GLY A 214 18.66 14.09 -17.36
N GLU A 215 17.74 13.22 -16.95
CA GLU A 215 17.27 12.14 -17.82
C GLU A 215 16.53 12.71 -19.00
N GLY A 216 15.75 13.74 -18.77
CA GLY A 216 14.99 14.37 -19.84
C GLY A 216 15.93 15.02 -20.82
N ALA A 217 16.95 15.71 -20.33
CA ALA A 217 17.88 16.33 -21.26
C ALA A 217 18.70 15.29 -22.05
N LEU A 218 19.05 14.18 -21.40
CA LEU A 218 19.90 13.20 -22.06
C LEU A 218 19.10 12.45 -23.07
N ILE A 219 17.96 11.96 -22.66
CA ILE A 219 17.19 11.09 -23.50
C ILE A 219 16.64 11.88 -24.63
N GLY A 220 16.17 13.06 -24.29
CA GLY A 220 15.61 13.94 -25.25
C GLY A 220 16.62 14.53 -26.23
N SER A 221 17.93 14.46 -25.98
CA SER A 221 18.91 14.83 -27.05
C SER A 221 19.52 13.61 -27.71
N GLY A 222 18.98 12.42 -27.41
CA GLY A 222 19.25 11.23 -28.21
C GLY A 222 20.38 10.40 -27.66
N GLY A 223 20.86 10.74 -26.46
CA GLY A 223 22.00 10.04 -25.85
C GLY A 223 21.76 8.94 -24.81
N SER A 224 20.51 8.55 -24.64
CA SER A 224 20.16 7.35 -23.83
C SER A 224 18.83 6.88 -24.39
N PRO A 225 18.68 5.58 -24.60
CA PRO A 225 17.42 5.08 -25.14
C PRO A 225 16.39 4.84 -24.10
N LEU A 226 16.81 4.78 -22.83
CA LEU A 226 15.92 4.39 -21.74
C LEU A 226 16.54 4.84 -20.46
N GLY A 227 15.72 5.42 -19.61
CA GLY A 227 16.11 5.93 -18.29
C GLY A 227 15.02 5.66 -17.24
N LEU A 228 15.39 5.77 -15.95
CA LEU A 228 14.49 5.75 -14.82
C LEU A 228 14.55 7.07 -14.06
N GLY A 229 13.37 7.57 -13.69
CA GLY A 229 13.26 8.71 -12.82
C GLY A 229 12.30 8.43 -11.69
N THR A 230 12.16 9.44 -10.81
CA THR A 230 11.19 9.42 -9.71
C THR A 230 10.29 10.69 -9.81
N ASP A 231 9.16 10.70 -9.09
CA ASP A 231 8.04 11.63 -9.27
C ASP A 231 7.20 11.69 -7.98
N ILE A 232 7.12 12.85 -7.36
CA ILE A 232 6.22 13.03 -6.23
C ILE A 232 5.19 14.20 -6.43
N GLY A 233 5.47 15.08 -7.40
CA GLY A 233 4.65 16.24 -7.83
C GLY A 233 4.64 16.45 -9.33
N GLY A 234 5.24 15.50 -10.05
CA GLY A 234 5.40 15.58 -11.50
C GLY A 234 6.80 15.34 -12.07
N SER A 235 7.72 14.84 -11.25
CA SER A 235 9.16 14.82 -11.61
C SER A 235 9.59 13.86 -12.71
N ILE A 236 8.71 12.96 -13.15
CA ILE A 236 8.95 12.26 -14.41
C ILE A 236 8.32 12.99 -15.55
N ARG A 237 7.14 13.55 -15.28
CA ARG A 237 6.29 14.11 -16.35
C ARG A 237 6.77 15.52 -16.82
N PHE A 238 7.22 16.39 -15.91
CA PHE A 238 7.71 17.68 -16.34
C PHE A 238 8.86 17.55 -17.30
N PRO A 239 9.90 16.78 -16.94
CA PRO A 239 11.07 16.81 -17.81
C PRO A 239 10.82 16.06 -19.06
N SER A 240 9.93 15.10 -19.00
CA SER A 240 9.55 14.38 -20.22
C SER A 240 8.85 15.35 -21.20
N ALA A 241 7.90 16.13 -20.69
CA ALA A 241 7.11 17.02 -21.54
C ALA A 241 7.94 18.19 -22.05
N PHE A 242 8.78 18.73 -21.15
CA PHE A 242 9.60 19.89 -21.48
C PHE A 242 10.69 19.55 -22.50
N CYS A 243 11.24 18.33 -22.42
CA CYS A 243 12.29 17.89 -23.30
C CYS A 243 11.76 17.05 -24.46
N GLY A 244 10.48 16.81 -24.54
CA GLY A 244 9.90 16.14 -25.74
C GLY A 244 10.00 14.62 -25.80
N ILE A 245 9.92 13.95 -24.65
CA ILE A 245 10.00 12.51 -24.59
C ILE A 245 8.80 11.94 -23.85
N CYS A 246 8.65 10.63 -23.84
CA CYS A 246 7.57 9.98 -23.13
C CYS A 246 8.06 9.62 -21.77
N GLY A 247 7.17 9.72 -20.78
CA GLY A 247 7.49 9.23 -19.43
C GLY A 247 6.24 8.66 -18.76
N LEU A 248 6.41 7.74 -17.82
CA LEU A 248 5.25 7.21 -17.07
C LEU A 248 5.56 7.18 -15.58
N LYS A 249 4.62 7.73 -14.79
CA LYS A 249 4.71 7.63 -13.36
C LYS A 249 3.72 6.58 -12.86
N PRO A 250 4.14 5.36 -12.54
CA PRO A 250 3.14 4.34 -12.08
C PRO A 250 2.49 4.61 -10.74
N THR A 251 1.61 3.70 -10.28
CA THR A 251 1.02 3.82 -9.00
C THR A 251 2.24 3.65 -8.10
N GLY A 252 2.28 4.33 -6.96
CA GLY A 252 3.43 4.39 -6.12
C GLY A 252 4.11 3.11 -5.69
N ASN A 253 3.33 2.04 -5.41
CA ASN A 253 3.93 0.80 -4.97
C ASN A 253 3.80 -0.30 -6.05
N ARG A 254 3.80 0.10 -7.32
CA ARG A 254 3.89 -0.85 -8.42
C ARG A 254 5.36 -1.27 -8.59
N LEU A 255 6.32 -0.38 -8.31
CA LEU A 255 7.76 -0.74 -8.40
C LEU A 255 8.51 -0.51 -7.09
N SER A 256 9.65 -1.16 -6.90
CA SER A 256 10.39 -1.08 -5.66
C SER A 256 11.15 0.23 -5.52
N LYS A 257 10.86 0.96 -4.45
CA LYS A 257 11.67 2.06 -3.99
C LYS A 257 12.84 1.72 -3.09
N SER A 258 13.10 0.44 -2.95
CA SER A 258 14.08 -0.02 -2.00
C SER A 258 15.50 0.36 -2.48
N GLY A 259 16.23 1.08 -1.64
CA GLY A 259 17.56 1.46 -1.96
C GLY A 259 17.67 2.81 -2.55
N LEU A 260 16.54 3.44 -2.87
CA LEU A 260 16.57 4.81 -3.42
C LEU A 260 17.02 5.77 -2.37
N LYS A 261 17.83 6.74 -2.77
CA LYS A 261 18.31 7.76 -1.89
C LYS A 261 17.23 8.82 -1.79
N GLY A 262 16.88 9.18 -0.56
CA GLY A 262 15.90 10.21 -0.27
C GLY A 262 16.38 11.25 0.71
N CYS A 263 15.42 12.03 1.22
CA CYS A 263 15.73 13.18 2.07
C CYS A 263 14.75 13.37 3.18
N VAL A 264 13.59 12.73 3.07
CA VAL A 264 12.59 12.71 4.12
C VAL A 264 12.18 11.28 4.31
N TYR A 265 12.11 10.83 5.55
CA TYR A 265 11.82 9.44 5.76
C TYR A 265 10.52 9.28 6.54
N GLY A 266 9.62 8.41 6.05
CA GLY A 266 8.35 8.02 6.73
C GLY A 266 7.09 8.82 6.37
N GLN A 267 7.17 9.63 5.35
CA GLN A 267 6.05 10.43 4.93
C GLN A 267 5.33 9.54 4.00
N THR A 268 4.14 9.06 4.37
CA THR A 268 3.39 8.07 3.53
C THR A 268 2.08 8.52 2.98
N ALA A 269 1.61 9.68 3.42
CA ALA A 269 0.45 10.33 2.79
C ALA A 269 0.49 10.56 1.26
N VAL A 270 1.55 11.19 0.78
CA VAL A 270 1.80 11.31 -0.67
C VAL A 270 3.03 10.50 -1.00
N GLN A 271 2.86 9.39 -1.67
CA GLN A 271 4.02 8.53 -1.91
C GLN A 271 4.74 8.91 -3.14
N LEU A 272 6.00 8.51 -3.09
CA LEU A 272 6.98 8.71 -4.13
C LEU A 272 6.78 7.58 -5.12
N SER A 273 6.95 7.81 -6.43
CA SER A 273 6.81 6.77 -7.42
C SER A 273 8.06 6.80 -8.33
N LEU A 274 8.34 5.72 -9.03
CA LEU A 274 9.45 5.66 -9.96
C LEU A 274 8.97 4.98 -11.22
N GLY A 275 9.61 5.31 -12.33
CA GLY A 275 9.12 4.90 -13.61
C GLY A 275 10.06 5.32 -14.68
N PRO A 276 9.83 4.80 -15.88
CA PRO A 276 10.65 4.98 -17.04
C PRO A 276 10.42 6.27 -17.85
N MET A 277 11.46 6.65 -18.60
CA MET A 277 11.47 7.78 -19.52
C MET A 277 12.18 7.23 -20.73
N ALA A 278 11.66 7.55 -21.90
CA ALA A 278 12.19 7.04 -23.15
C ALA A 278 11.65 7.85 -24.30
N ARG A 279 12.05 7.54 -25.53
CA ARG A 279 11.58 8.32 -26.65
C ARG A 279 10.25 7.88 -27.24
N ASP A 280 9.76 6.71 -26.88
CA ASP A 280 8.47 6.23 -27.37
C ASP A 280 7.71 5.45 -26.26
N VAL A 281 6.43 5.24 -26.44
CA VAL A 281 5.61 4.57 -25.41
C VAL A 281 5.98 3.10 -25.26
N GLU A 282 6.28 2.48 -26.40
CA GLU A 282 6.64 1.09 -26.47
C GLU A 282 7.86 0.80 -25.61
N SER A 283 8.75 1.78 -25.51
CA SER A 283 9.93 1.65 -24.69
C SER A 283 9.54 1.59 -23.23
N LEU A 284 8.52 2.38 -22.85
CA LEU A 284 8.17 2.46 -21.45
C LEU A 284 7.48 1.18 -21.00
N ALA A 285 6.64 0.62 -21.88
CA ALA A 285 6.07 -0.69 -21.71
C ALA A 285 7.09 -1.80 -21.59
N LEU A 286 8.17 -1.71 -22.35
CA LEU A 286 9.17 -2.75 -22.30
C LEU A 286 9.90 -2.69 -20.97
N CYS A 287 10.25 -1.49 -20.56
CA CYS A 287 10.87 -1.33 -19.27
C CYS A 287 10.00 -1.87 -18.13
N LEU A 288 8.71 -1.61 -18.16
CA LEU A 288 7.84 -2.07 -17.09
C LEU A 288 7.76 -3.59 -17.14
N LYS A 289 7.57 -4.16 -18.34
CA LYS A 289 7.48 -5.58 -18.52
C LYS A 289 8.75 -6.25 -17.95
N ALA A 290 9.90 -5.63 -18.22
CA ALA A 290 11.15 -6.15 -17.71
C ALA A 290 11.33 -6.00 -16.21
N LEU A 291 10.91 -4.87 -15.64
CA LEU A 291 11.10 -4.75 -14.20
C LEU A 291 10.06 -5.64 -13.43
N LEU A 292 8.86 -5.80 -13.98
CA LEU A 292 7.79 -6.50 -13.22
C LEU A 292 7.98 -8.00 -13.44
N CYS A 293 8.97 -8.57 -12.77
CA CYS A 293 9.38 -9.96 -12.99
C CYS A 293 9.71 -10.59 -11.63
N GLU A 294 9.85 -11.90 -11.57
CA GLU A 294 10.25 -12.56 -10.30
C GLU A 294 11.42 -11.92 -9.56
N HIS A 295 12.48 -11.50 -10.26
CA HIS A 295 13.60 -10.90 -9.56
C HIS A 295 13.22 -9.74 -8.67
N LEU A 296 12.39 -8.82 -9.17
CA LEU A 296 11.94 -7.66 -8.38
C LEU A 296 11.06 -8.13 -7.25
N PHE A 297 10.11 -8.98 -7.57
CA PHE A 297 9.13 -9.47 -6.56
C PHE A 297 9.77 -10.23 -5.44
N THR A 298 10.84 -10.98 -5.70
CA THR A 298 11.54 -11.68 -4.59
C THR A 298 12.54 -10.78 -3.86
N LEU A 299 13.13 -9.77 -4.54
CA LEU A 299 14.06 -8.83 -3.90
C LEU A 299 13.31 -7.82 -3.04
N ASP A 300 12.11 -7.47 -3.42
CA ASP A 300 11.32 -6.58 -2.56
C ASP A 300 9.90 -7.18 -2.45
N PRO A 301 9.70 -8.09 -1.49
CA PRO A 301 8.38 -8.67 -1.33
C PRO A 301 7.27 -7.68 -0.91
N THR A 302 7.60 -6.42 -0.58
CA THR A 302 6.63 -5.41 -0.22
C THR A 302 5.85 -4.90 -1.42
N VAL A 303 6.34 -5.20 -2.60
CA VAL A 303 5.69 -4.82 -3.81
C VAL A 303 4.76 -5.90 -4.28
N PRO A 304 3.55 -5.55 -4.68
CA PRO A 304 2.63 -6.64 -5.04
C PRO A 304 3.07 -7.32 -6.33
N PRO A 305 2.98 -8.63 -6.37
CA PRO A 305 3.62 -9.27 -7.53
C PRO A 305 2.66 -9.36 -8.68
N LEU A 306 2.39 -8.19 -9.24
CA LEU A 306 1.48 -7.98 -10.39
C LEU A 306 2.30 -8.00 -11.67
N PRO A 307 2.24 -9.10 -12.40
CA PRO A 307 2.92 -9.09 -13.68
C PRO A 307 2.38 -8.04 -14.66
N PHE A 308 3.18 -7.72 -15.68
CA PHE A 308 2.72 -6.89 -16.78
C PHE A 308 1.66 -7.62 -17.62
N ARG A 309 0.47 -7.04 -17.79
CA ARG A 309 -0.58 -7.69 -18.57
C ARG A 309 -0.54 -7.26 -20.06
N GLU A 310 0.22 -8.03 -20.86
CA GLU A 310 0.41 -7.77 -22.30
C GLU A 310 -0.95 -7.49 -22.93
N GLU A 311 -1.90 -8.42 -22.74
CA GLU A 311 -3.24 -8.33 -23.36
C GLU A 311 -3.95 -6.98 -23.14
N VAL A 312 -3.79 -6.37 -21.97
CA VAL A 312 -4.40 -5.06 -21.70
C VAL A 312 -3.65 -3.91 -22.44
N TYR A 313 -2.32 -3.98 -22.47
CA TYR A 313 -1.53 -2.95 -23.15
C TYR A 313 -1.83 -2.98 -24.66
N ARG A 314 -1.97 -4.17 -25.24
CA ARG A 314 -2.23 -4.38 -26.70
C ARG A 314 -3.68 -4.25 -27.11
N SER A 315 -4.58 -4.16 -26.17
CA SER A 315 -5.99 -3.99 -26.47
C SER A 315 -6.13 -2.92 -27.50
N SER A 316 -7.09 -3.09 -28.41
CA SER A 316 -7.49 -2.03 -29.33
C SER A 316 -8.99 -1.70 -29.22
N ARG A 317 -9.62 -2.01 -28.09
CA ARG A 317 -11.03 -1.67 -27.91
C ARG A 317 -11.15 -0.16 -27.81
N PRO A 318 -12.27 0.41 -28.29
CA PRO A 318 -12.58 1.81 -28.04
C PRO A 318 -12.56 2.14 -26.57
N LEU A 319 -12.18 3.36 -26.24
CA LEU A 319 -12.00 3.81 -24.88
C LEU A 319 -13.02 4.88 -24.61
N ARG A 320 -13.53 4.91 -23.39
CA ARG A 320 -14.26 6.10 -22.93
C ARG A 320 -13.25 6.99 -22.19
N VAL A 321 -13.09 8.21 -22.67
CA VAL A 321 -11.95 9.06 -22.28
C VAL A 321 -12.48 10.34 -21.67
N GLY A 322 -12.22 10.51 -20.38
CA GLY A 322 -12.53 11.76 -19.71
C GLY A 322 -11.52 12.77 -20.22
N TYR A 323 -11.92 14.04 -20.26
CA TYR A 323 -11.01 15.11 -20.67
C TYR A 323 -11.40 16.41 -20.03
N TYR A 324 -10.39 17.19 -19.69
CA TYR A 324 -10.56 18.59 -19.40
C TYR A 324 -9.50 19.41 -20.09
N GLU A 325 -9.86 20.66 -20.39
CA GLU A 325 -9.07 21.61 -21.19
C GLU A 325 -8.20 22.50 -20.28
N THR A 326 -8.69 22.71 -19.06
CA THR A 326 -8.01 23.44 -17.99
C THR A 326 -8.45 22.84 -16.67
N ASP A 327 -7.62 22.95 -15.66
CA ASP A 327 -7.98 22.50 -14.34
C ASP A 327 -8.57 23.63 -13.49
N ASN A 328 -8.80 24.79 -14.11
CA ASN A 328 -9.31 25.97 -13.41
C ASN A 328 -8.44 26.43 -12.24
N TYR A 329 -7.20 25.97 -12.23
CA TYR A 329 -6.26 26.38 -11.19
C TYR A 329 -5.03 27.07 -11.84
N THR A 330 -4.43 26.39 -12.81
CA THR A 330 -3.30 26.89 -13.61
C THR A 330 -3.85 27.06 -14.98
N MET A 331 -4.04 28.31 -15.36
CA MET A 331 -4.51 28.59 -16.70
C MET A 331 -3.47 28.01 -17.64
N PRO A 332 -3.92 27.24 -18.65
CA PRO A 332 -2.99 26.68 -19.63
C PRO A 332 -2.47 27.68 -20.65
N SER A 333 -1.28 27.42 -21.18
CA SER A 333 -0.73 28.20 -22.30
C SER A 333 -1.50 27.86 -23.55
N PRO A 334 -1.45 28.71 -24.56
CA PRO A 334 -2.29 28.41 -25.73
C PRO A 334 -1.87 27.09 -26.40
N ALA A 335 -0.58 26.80 -26.38
CA ALA A 335 -0.04 25.53 -26.90
C ALA A 335 -0.64 24.31 -26.14
N MET A 336 -0.56 24.32 -24.82
CA MET A 336 -1.23 23.27 -23.98
C MET A 336 -2.65 22.98 -24.45
N ARG A 337 -3.40 24.08 -24.61
CA ARG A 337 -4.82 24.02 -24.85
C ARG A 337 -5.08 23.48 -26.24
N ARG A 338 -4.25 23.92 -27.21
CA ARG A 338 -4.37 23.44 -28.59
C ARG A 338 -3.98 21.95 -28.63
N ALA A 339 -2.93 21.60 -27.90
CA ALA A 339 -2.48 20.21 -27.85
C ALA A 339 -3.59 19.32 -27.34
N LEU A 340 -4.25 19.78 -26.30
CA LEU A 340 -5.23 18.95 -25.61
C LEU A 340 -6.38 18.70 -26.58
N ILE A 341 -6.86 19.76 -27.21
CA ILE A 341 -7.99 19.72 -28.08
C ILE A 341 -7.77 18.92 -29.33
N GLU A 342 -6.59 19.03 -29.90
CA GLU A 342 -6.27 18.29 -31.11
C GLU A 342 -6.25 16.79 -30.85
N THR A 343 -5.60 16.43 -29.74
CA THR A 343 -5.59 15.05 -29.28
C THR A 343 -7.02 14.55 -29.06
N LYS A 344 -7.83 15.36 -28.42
CA LYS A 344 -9.21 15.03 -28.19
C LYS A 344 -9.92 14.73 -29.53
N GLN A 345 -9.80 15.65 -30.49
CA GLN A 345 -10.45 15.48 -31.78
C GLN A 345 -9.97 14.24 -32.52
N ARG A 346 -8.68 13.94 -32.47
CA ARG A 346 -8.15 12.78 -33.20
C ARG A 346 -8.60 11.50 -32.53
N LEU A 347 -8.58 11.49 -31.20
CA LEU A 347 -9.21 10.35 -30.50
C LEU A 347 -10.68 10.15 -30.93
N GLU A 348 -11.45 11.25 -30.98
CA GLU A 348 -12.84 11.18 -31.45
C GLU A 348 -12.94 10.50 -32.84
N ALA A 349 -12.14 10.98 -33.79
CA ALA A 349 -12.14 10.45 -35.15
C ALA A 349 -11.68 8.99 -35.22
N ALA A 350 -10.80 8.57 -34.31
CA ALA A 350 -10.38 7.16 -34.26
C ALA A 350 -11.44 6.26 -33.58
N GLY A 351 -12.50 6.86 -33.05
CA GLY A 351 -13.70 6.12 -32.63
C GLY A 351 -13.90 5.99 -31.13
N HIS A 352 -13.17 6.80 -30.37
CA HIS A 352 -13.25 6.81 -28.94
C HIS A 352 -14.29 7.85 -28.55
N THR A 353 -14.94 7.62 -27.41
CA THR A 353 -15.89 8.55 -26.82
C THR A 353 -15.18 9.43 -25.81
N LEU A 354 -15.38 10.73 -25.96
CA LEU A 354 -14.74 11.78 -25.17
C LEU A 354 -15.77 12.51 -24.31
N ILE A 355 -15.51 12.57 -23.02
CA ILE A 355 -16.45 13.01 -22.04
C ILE A 355 -15.81 14.05 -21.17
N PRO A 356 -16.45 15.22 -21.00
CA PRO A 356 -15.90 16.21 -20.08
C PRO A 356 -15.89 15.74 -18.65
N PHE A 357 -14.76 15.83 -18.02
CA PHE A 357 -14.58 15.37 -16.70
C PHE A 357 -13.57 16.26 -16.03
N LEU A 358 -13.86 16.73 -14.85
CA LEU A 358 -12.84 17.32 -13.99
C LEU A 358 -12.91 16.78 -12.57
N PRO A 359 -11.82 16.23 -12.03
CA PRO A 359 -11.91 15.86 -10.63
C PRO A 359 -12.41 16.99 -9.74
N ASN A 360 -13.21 16.62 -8.75
CA ASN A 360 -13.82 17.58 -7.87
C ASN A 360 -12.74 18.14 -6.94
N ASN A 361 -12.95 19.35 -6.44
CA ASN A 361 -12.07 19.93 -5.37
C ASN A 361 -10.55 19.84 -5.63
N ILE A 362 -10.15 20.21 -6.84
CA ILE A 362 -8.70 20.31 -7.09
C ILE A 362 -7.99 21.26 -6.12
N PRO A 363 -8.64 22.36 -5.82
CA PRO A 363 -7.88 23.28 -4.96
C PRO A 363 -7.52 22.71 -3.65
N TYR A 364 -8.44 21.94 -3.07
CA TYR A 364 -8.22 21.37 -1.76
C TYR A 364 -7.26 20.22 -1.79
N ALA A 365 -7.33 19.45 -2.84
CA ALA A 365 -6.36 18.40 -3.08
C ALA A 365 -4.92 18.93 -3.16
N LEU A 366 -4.73 20.10 -3.85
CA LEU A 366 -3.39 20.70 -3.94
C LEU A 366 -2.98 21.41 -2.64
N GLU A 367 -3.87 22.30 -2.18
CA GLU A 367 -3.55 23.18 -1.08
C GLU A 367 -3.50 22.49 0.24
N VAL A 368 -4.50 21.64 0.52
CA VAL A 368 -4.63 21.03 1.83
C VAL A 368 -3.98 19.63 1.93
N LEU A 369 -4.31 18.75 1.00
CA LEU A 369 -3.90 17.35 1.05
C LEU A 369 -2.50 17.16 0.57
N SER A 370 -2.24 17.64 -0.64
CA SER A 370 -0.85 17.46 -1.22
C SER A 370 0.18 18.23 -0.39
N THR A 371 -0.06 19.52 -0.17
CA THR A 371 0.84 20.34 0.62
C THR A 371 0.95 19.83 2.05
N GLY A 372 -0.17 19.54 2.70
CA GLY A 372 -0.14 19.10 4.08
C GLY A 372 0.53 17.78 4.28
N GLY A 373 0.39 16.89 3.31
CA GLY A 373 1.09 15.62 3.42
C GLY A 373 2.57 15.70 3.18
N LEU A 374 2.98 16.52 2.21
CA LEU A 374 4.41 16.63 1.95
C LEU A 374 5.01 17.37 3.11
N PHE A 375 4.30 18.32 3.74
CA PHE A 375 4.93 19.13 4.80
C PHE A 375 4.20 19.09 6.13
N SER A 376 3.76 17.89 6.56
CA SER A 376 2.97 17.73 7.78
C SER A 376 3.74 18.20 8.99
N ASP A 377 5.07 18.16 8.91
CA ASP A 377 5.93 18.49 10.06
C ASP A 377 6.52 19.89 9.90
N GLY A 378 5.96 20.64 8.97
CA GLY A 378 6.31 22.02 8.78
C GLY A 378 7.55 22.30 7.92
N GLY A 379 8.17 21.25 7.43
CA GLY A 379 9.42 21.35 6.69
C GLY A 379 10.64 20.90 7.48
N ARG A 380 10.48 20.58 8.77
CA ARG A 380 11.64 20.40 9.64
C ARG A 380 12.58 19.31 9.15
N SER A 381 12.02 18.17 8.77
CA SER A 381 12.84 17.04 8.35
C SER A 381 13.55 17.27 7.01
N PHE A 382 12.82 17.81 6.05
CA PHE A 382 13.34 18.26 4.78
C PHE A 382 14.46 19.26 4.97
N LEU A 383 14.20 20.31 5.73
CA LEU A 383 15.19 21.37 6.02
C LEU A 383 16.53 20.89 6.56
N GLN A 384 16.53 19.82 7.35
CA GLN A 384 17.76 19.21 7.88
C GLN A 384 18.79 18.97 6.81
N ASN A 385 18.32 18.64 5.60
CA ASN A 385 19.23 18.32 4.49
C ASN A 385 20.02 19.55 3.99
N PHE A 386 19.64 20.74 4.44
CA PHE A 386 20.20 22.00 3.98
C PHE A 386 21.05 22.71 5.04
N LYS A 387 21.25 22.09 6.20
CA LYS A 387 22.00 22.73 7.25
C LYS A 387 23.46 22.87 6.82
N GLY A 388 23.95 24.09 6.79
CA GLY A 388 25.29 24.36 6.29
C GLY A 388 25.48 24.42 4.78
N ASP A 389 24.44 24.15 4.00
CA ASP A 389 24.58 24.09 2.54
C ASP A 389 24.07 25.37 1.88
N PHE A 390 24.55 25.67 0.69
CA PHE A 390 24.02 26.77 -0.11
C PHE A 390 22.65 26.40 -0.61
N VAL A 391 21.85 27.40 -1.00
CA VAL A 391 20.60 27.16 -1.62
C VAL A 391 20.59 27.58 -3.08
N ASP A 392 20.59 26.61 -3.98
CA ASP A 392 20.54 26.91 -5.43
C ASP A 392 19.37 27.84 -5.69
N PRO A 393 19.60 28.90 -6.47
CA PRO A 393 18.49 29.86 -6.67
C PRO A 393 17.31 29.31 -7.48
N CYS A 394 17.43 28.09 -7.99
CA CYS A 394 16.35 27.50 -8.76
C CYS A 394 15.26 27.05 -7.79
N LEU A 395 15.59 26.97 -6.50
CA LEU A 395 14.58 26.69 -5.47
C LEU A 395 13.77 27.93 -5.07
N GLY A 396 14.16 29.11 -5.52
CA GLY A 396 13.51 30.37 -5.13
C GLY A 396 13.49 30.54 -3.63
N ASP A 397 12.35 30.94 -3.08
CA ASP A 397 12.26 31.19 -1.63
C ASP A 397 11.70 29.99 -0.87
N LEU A 398 11.56 28.84 -1.53
CA LEU A 398 11.00 27.66 -0.84
C LEU A 398 11.63 27.46 0.55
N ILE A 399 12.96 27.49 0.63
CA ILE A 399 13.63 27.18 1.87
C ILE A 399 13.39 28.26 2.89
N LEU A 400 13.56 29.49 2.46
CA LEU A 400 13.32 30.63 3.35
C LEU A 400 11.92 30.53 4.01
N ILE A 401 10.93 30.26 3.17
CA ILE A 401 9.56 30.18 3.59
C ILE A 401 9.36 29.01 4.59
N LEU A 402 9.99 27.87 4.33
CA LEU A 402 9.84 26.69 5.18
C LEU A 402 10.41 26.89 6.59
N ARG A 403 11.42 27.74 6.71
CA ARG A 403 12.13 27.96 7.98
C ARG A 403 11.37 28.83 8.92
N LEU A 404 10.37 29.53 8.37
CA LEU A 404 9.58 30.49 9.13
C LEU A 404 8.85 29.81 10.31
N PRO A 405 8.91 30.42 11.51
CA PRO A 405 8.10 29.88 12.61
C PRO A 405 6.61 29.69 12.24
N SER A 406 6.04 28.57 12.68
CA SER A 406 4.61 28.23 12.47
C SER A 406 3.63 29.37 12.62
N TRP A 407 3.75 30.08 13.73
CA TRP A 407 2.90 31.23 14.00
C TRP A 407 2.95 32.33 12.92
N PHE A 408 4.16 32.59 12.41
CA PHE A 408 4.37 33.61 11.40
C PHE A 408 3.84 33.14 10.06
N LYS A 409 4.03 31.88 9.73
CA LYS A 409 3.34 31.33 8.56
C LYS A 409 1.83 31.55 8.68
N ARG A 410 1.28 31.45 9.89
CA ARG A 410 -0.18 31.65 10.11
C ARG A 410 -0.62 33.11 9.93
N LEU A 411 0.00 34.00 10.69
CA LEU A 411 -0.21 35.44 10.56
C LEU A 411 -0.07 35.91 9.09
N LEU A 412 0.95 35.42 8.40
CA LEU A 412 1.20 35.82 7.01
C LEU A 412 0.06 35.30 6.15
N SER A 413 -0.44 34.13 6.53
CA SER A 413 -1.50 33.46 5.80
C SER A 413 -2.80 34.25 5.95
N LEU A 414 -3.01 34.84 7.14
CA LEU A 414 -4.23 35.60 7.38
C LEU A 414 -4.16 36.91 6.61
N LEU A 415 -2.98 37.52 6.58
CA LEU A 415 -2.75 38.76 5.82
C LEU A 415 -3.05 38.61 4.34
N LEU A 416 -2.52 37.57 3.72
CA LEU A 416 -2.64 37.46 2.28
C LEU A 416 -3.96 36.92 1.82
N LYS A 417 -4.76 36.38 2.74
CA LYS A 417 -5.91 35.58 2.33
C LYS A 417 -6.92 36.33 1.43
N PRO A 418 -7.28 37.57 1.79
CA PRO A 418 -8.23 38.28 0.92
C PRO A 418 -7.64 38.69 -0.45
N LEU A 419 -6.36 39.07 -0.48
CA LEU A 419 -5.67 39.38 -1.73
C LEU A 419 -5.34 38.15 -2.60
N PHE A 420 -4.57 37.22 -2.05
CA PHE A 420 -3.95 36.15 -2.83
C PHE A 420 -4.19 34.84 -2.09
N PRO A 421 -5.43 34.35 -2.11
CA PRO A 421 -5.85 33.20 -1.29
C PRO A 421 -5.05 31.92 -1.55
N ARG A 422 -4.55 31.75 -2.77
CA ARG A 422 -3.75 30.57 -3.17
C ARG A 422 -2.42 30.54 -2.42
N LEU A 423 -1.72 31.65 -2.43
CA LEU A 423 -0.55 31.82 -1.57
C LEU A 423 -0.86 31.56 -0.08
N ALA A 424 -1.97 32.12 0.38
CA ALA A 424 -2.35 31.98 1.79
C ALA A 424 -2.62 30.51 2.18
N ALA A 425 -3.25 29.78 1.28
CA ALA A 425 -3.54 28.38 1.47
C ALA A 425 -2.26 27.50 1.47
N PHE A 426 -1.34 27.69 0.52
CA PHE A 426 -0.11 26.85 0.51
C PHE A 426 0.61 27.18 1.82
N LEU A 427 0.68 28.44 2.18
CA LEU A 427 1.45 28.80 3.35
C LEU A 427 0.93 28.20 4.66
N ASN A 428 -0.38 28.09 4.80
CA ASN A 428 -0.99 27.72 6.06
C ASN A 428 -0.90 26.22 6.26
N ASN A 429 -0.92 25.51 5.14
CA ASN A 429 -0.89 24.07 5.14
C ASN A 429 0.53 23.50 5.17
N MET A 430 1.52 24.38 5.29
CA MET A 430 2.93 23.99 5.49
C MET A 430 3.34 24.14 6.94
N ARG A 431 2.39 24.13 7.85
CA ARG A 431 2.70 24.24 9.27
C ARG A 431 2.85 22.85 9.86
N PRO A 432 3.58 22.75 10.98
CA PRO A 432 3.70 21.52 11.69
C PRO A 432 2.41 21.24 12.47
N ARG A 433 2.25 20.01 12.93
CA ARG A 433 1.00 19.57 13.51
C ARG A 433 1.21 18.25 14.23
N SER A 434 0.16 17.82 14.91
CA SER A 434 0.26 16.65 15.73
C SER A 434 0.06 15.39 14.90
N ALA A 435 0.36 14.26 15.51
CA ALA A 435 0.08 12.98 14.88
C ALA A 435 -1.41 12.78 14.64
N GLU A 436 -2.22 13.27 15.58
CA GLU A 436 -3.73 13.30 15.46
C GLU A 436 -4.20 14.02 14.18
N LYS A 437 -3.59 15.16 13.86
CA LYS A 437 -4.03 15.86 12.67
C LYS A 437 -3.50 15.13 11.48
N LEU A 438 -2.30 14.54 11.56
CA LEU A 438 -1.81 13.79 10.41
C LEU A 438 -2.73 12.59 10.12
N TRP A 439 -3.23 11.93 11.17
CA TRP A 439 -4.27 10.91 10.94
C TRP A 439 -5.46 11.48 10.22
N LYS A 440 -6.01 12.58 10.73
CA LYS A 440 -7.12 13.20 10.01
C LYS A 440 -6.78 13.53 8.54
N LEU A 441 -5.58 14.06 8.30
CA LEU A 441 -5.17 14.34 6.93
C LEU A 441 -5.09 13.06 6.11
N GLN A 442 -4.51 11.98 6.69
CA GLN A 442 -4.35 10.72 5.93
C GLN A 442 -5.72 10.14 5.58
N HIS A 443 -6.63 10.24 6.55
CA HIS A 443 -8.03 9.89 6.26
C HIS A 443 -8.67 10.69 5.15
N GLU A 444 -8.50 12.00 5.20
CA GLU A 444 -8.97 12.84 4.09
C GLU A 444 -8.38 12.47 2.74
N ILE A 445 -7.08 12.16 2.73
CA ILE A 445 -6.45 11.73 1.50
C ILE A 445 -7.15 10.46 0.99
N GLU A 446 -7.45 9.57 1.91
CA GLU A 446 -8.11 8.32 1.50
C GLU A 446 -9.51 8.53 0.97
N MET A 447 -10.29 9.35 1.65
CA MET A 447 -11.66 9.62 1.16
C MET A 447 -11.70 10.49 -0.10
N TYR A 448 -10.77 11.46 -0.22
CA TYR A 448 -10.63 12.12 -1.51
C TYR A 448 -10.37 11.13 -2.63
N ARG A 449 -9.45 10.19 -2.40
CA ARG A 449 -9.18 9.18 -3.44
C ARG A 449 -10.42 8.39 -3.85
N GLN A 450 -11.18 7.94 -2.84
CA GLN A 450 -12.46 7.25 -3.09
C GLN A 450 -13.48 8.14 -3.75
N SER A 451 -13.49 9.42 -3.38
CA SER A 451 -14.38 10.36 -4.07
C SER A 451 -14.17 10.43 -5.59
N VAL A 452 -12.93 10.66 -6.01
CA VAL A 452 -12.64 10.78 -7.43
C VAL A 452 -12.88 9.48 -8.16
N ILE A 453 -12.60 8.35 -7.51
CA ILE A 453 -12.86 7.03 -8.11
C ILE A 453 -14.36 6.92 -8.40
N ALA A 454 -15.15 7.39 -7.46
CA ALA A 454 -16.61 7.37 -7.63
C ALA A 454 -17.11 8.25 -8.76
N GLN A 455 -16.50 9.44 -8.98
CA GLN A 455 -16.89 10.28 -10.11
C GLN A 455 -16.61 9.55 -11.41
N TRP A 456 -15.40 9.02 -11.45
CA TRP A 456 -14.86 8.30 -12.61
C TRP A 456 -15.77 7.15 -12.96
N LYS A 457 -16.19 6.38 -11.96
CA LYS A 457 -17.12 5.26 -12.19
C LYS A 457 -18.50 5.77 -12.57
N ALA A 458 -18.92 6.92 -12.04
CA ALA A 458 -20.26 7.45 -12.42
C ALA A 458 -20.34 7.89 -13.90
N MET A 459 -19.24 8.35 -14.50
CA MET A 459 -19.21 8.66 -15.95
C MET A 459 -18.76 7.47 -16.76
N ASN A 460 -18.50 6.38 -16.06
CA ASN A 460 -18.03 5.16 -16.68
C ASN A 460 -16.78 5.31 -17.58
N LEU A 461 -15.82 6.11 -17.13
CA LEU A 461 -14.54 6.31 -17.85
C LEU A 461 -13.66 5.10 -17.84
N ASP A 462 -12.82 4.95 -18.83
CA ASP A 462 -11.72 3.98 -18.83
C ASP A 462 -10.42 4.64 -18.49
N VAL A 463 -10.24 5.84 -19.03
CA VAL A 463 -9.01 6.63 -18.89
C VAL A 463 -9.33 8.11 -18.91
N LEU A 464 -8.32 8.91 -18.59
CA LEU A 464 -8.53 10.33 -18.50
C LEU A 464 -7.37 11.08 -19.26
N LEU A 465 -7.74 12.11 -20.02
CA LEU A 465 -6.81 12.92 -20.81
C LEU A 465 -6.78 14.32 -20.24
N THR A 466 -5.59 14.83 -19.93
CA THR A 466 -5.51 16.12 -19.32
C THR A 466 -4.39 16.93 -19.96
N PRO A 467 -4.45 18.25 -19.82
CA PRO A 467 -3.27 19.04 -20.18
C PRO A 467 -2.09 18.70 -19.30
N MET A 468 -0.91 18.96 -19.86
CA MET A 468 0.34 18.84 -19.20
C MET A 468 1.09 20.15 -19.35
N LEU A 469 1.70 20.59 -18.26
CA LEU A 469 2.38 21.83 -18.25
C LEU A 469 3.41 21.89 -19.37
N GLY A 470 3.38 22.99 -20.10
CA GLY A 470 4.33 23.25 -21.18
C GLY A 470 3.96 24.52 -21.89
N PRO A 471 4.86 25.00 -22.77
CA PRO A 471 6.20 24.53 -23.05
C PRO A 471 7.14 24.78 -21.92
N ALA A 472 8.37 24.28 -22.03
CA ALA A 472 9.36 24.49 -21.00
C ALA A 472 9.45 25.93 -20.53
N LEU A 473 9.57 26.08 -19.22
CA LEU A 473 9.76 27.38 -18.60
C LEU A 473 11.21 27.84 -18.63
N ASP A 474 11.41 29.14 -18.50
CA ASP A 474 12.76 29.67 -18.42
C ASP A 474 13.46 29.13 -17.18
N LEU A 475 14.78 29.07 -17.27
CA LEU A 475 15.57 28.68 -16.13
C LEU A 475 15.25 29.55 -14.90
N ASN A 476 15.26 28.94 -13.73
CA ASN A 476 15.02 29.60 -12.43
C ASN A 476 13.61 30.16 -12.19
N THR A 477 12.68 29.79 -13.08
CA THR A 477 11.30 30.14 -12.90
C THR A 477 10.43 29.04 -12.27
N PRO A 478 10.70 27.77 -12.52
CA PRO A 478 9.79 26.78 -11.83
C PRO A 478 9.65 26.89 -10.32
N GLY A 479 10.72 27.23 -9.63
CA GLY A 479 10.62 27.38 -8.17
C GLY A 479 9.95 28.66 -7.77
N ARG A 480 9.49 29.45 -8.76
CA ARG A 480 8.69 30.65 -8.48
C ARG A 480 7.30 30.56 -9.08
N ALA A 481 7.00 29.40 -9.69
CA ALA A 481 5.69 29.14 -10.22
C ALA A 481 5.16 27.81 -9.60
N THR A 482 5.15 27.73 -8.28
CA THR A 482 4.72 26.52 -7.60
C THR A 482 3.30 26.03 -7.99
N GLY A 483 2.38 26.95 -8.24
CA GLY A 483 1.01 26.59 -8.55
C GLY A 483 0.84 25.78 -9.82
N ALA A 484 1.78 25.95 -10.73
CA ALA A 484 1.76 25.22 -12.01
C ALA A 484 2.01 23.71 -11.88
N VAL A 485 2.32 23.22 -10.69
CA VAL A 485 2.35 21.76 -10.49
C VAL A 485 0.93 21.15 -10.44
N SER A 486 -0.09 21.99 -10.51
CA SER A 486 -1.45 21.56 -10.35
C SER A 486 -1.81 20.40 -11.27
N TYR A 487 -1.42 20.46 -12.54
CA TYR A 487 -1.78 19.41 -13.51
C TYR A 487 -1.24 18.03 -13.15
N THR A 488 -0.09 18.01 -12.48
CA THR A 488 0.62 16.78 -12.20
C THR A 488 0.46 16.33 -10.77
N MET A 489 0.62 17.24 -9.81
CA MET A 489 0.55 16.82 -8.44
C MET A 489 -0.80 16.19 -8.04
N LEU A 490 -1.85 16.52 -8.74
CA LEU A 490 -3.14 15.96 -8.42
C LEU A 490 -3.11 14.44 -8.40
N TYR A 491 -2.33 13.85 -9.32
CA TYR A 491 -2.26 12.42 -9.47
C TYR A 491 -1.22 11.75 -8.55
N ASN A 492 -0.36 12.52 -7.90
CA ASN A 492 0.43 12.02 -6.82
C ASN A 492 -0.45 11.86 -5.58
N CYS A 493 -1.30 12.88 -5.34
CA CYS A 493 -2.25 12.89 -4.26
C CYS A 493 -3.28 11.74 -4.38
N LEU A 494 -3.80 11.53 -5.58
CA LEU A 494 -4.66 10.43 -5.87
C LEU A 494 -3.95 9.10 -6.07
N ASP A 495 -2.62 9.12 -6.38
CA ASP A 495 -1.83 7.89 -6.63
C ASP A 495 -2.49 7.09 -7.70
N PHE A 496 -2.72 7.72 -8.84
CA PHE A 496 -3.18 7.11 -10.06
C PHE A 496 -1.97 7.13 -11.02
N PRO A 497 -1.89 6.14 -11.89
CA PRO A 497 -0.82 6.21 -12.84
C PRO A 497 -1.11 7.36 -13.78
N ALA A 498 -0.03 7.98 -14.27
CA ALA A 498 -0.17 9.15 -15.10
C ALA A 498 1.10 9.27 -15.93
N GLY A 499 0.96 9.44 -17.24
CA GLY A 499 2.11 9.49 -18.12
C GLY A 499 1.96 10.65 -19.04
N VAL A 500 3.03 11.03 -19.73
CA VAL A 500 2.91 12.08 -20.72
C VAL A 500 3.49 11.66 -22.08
N VAL A 501 2.90 12.17 -23.16
CA VAL A 501 3.25 11.88 -24.54
C VAL A 501 3.37 13.20 -25.30
N PRO A 502 4.53 13.49 -25.91
CA PRO A 502 4.60 14.74 -26.72
C PRO A 502 3.73 14.62 -27.97
N VAL A 503 2.91 15.65 -28.25
CA VAL A 503 1.99 15.61 -29.38
C VAL A 503 2.11 16.74 -30.42
N THR A 504 2.72 17.87 -30.06
CA THR A 504 2.91 18.96 -31.02
C THR A 504 4.06 19.88 -30.59
N THR A 505 4.32 20.91 -31.40
CA THR A 505 5.29 21.92 -31.02
C THR A 505 4.68 23.31 -31.05
N VAL A 506 5.25 24.18 -30.23
CA VAL A 506 4.82 25.57 -30.15
C VAL A 506 5.02 26.32 -31.48
N THR A 507 3.92 26.88 -31.97
CA THR A 507 3.93 27.71 -33.16
C THR A 507 4.02 29.19 -32.82
N ALA A 508 4.43 29.97 -33.81
CA ALA A 508 4.57 31.42 -33.62
C ALA A 508 3.24 32.01 -33.14
N GLU A 509 2.16 31.54 -33.75
CA GLU A 509 0.84 31.87 -33.24
C GLU A 509 0.63 31.56 -31.74
N ASP A 510 0.95 30.34 -31.30
CA ASP A 510 0.80 29.98 -29.89
C ASP A 510 1.56 30.94 -28.98
N ASP A 511 2.77 31.27 -29.38
CA ASP A 511 3.69 32.03 -28.55
C ASP A 511 3.26 33.50 -28.48
N ALA A 512 2.76 34.04 -29.58
CA ALA A 512 2.26 35.41 -29.59
C ALA A 512 1.04 35.50 -28.67
N GLN A 513 0.23 34.43 -28.65
CA GLN A 513 -0.96 34.46 -27.78
C GLN A 513 -0.61 34.56 -26.30
N MET A 514 0.63 34.25 -25.89
CA MET A 514 0.98 34.36 -24.47
C MET A 514 0.89 35.77 -23.95
N GLU A 515 0.87 36.75 -24.84
CA GLU A 515 0.71 38.12 -24.37
C GLU A 515 -0.70 38.33 -23.81
N LEU A 516 -1.67 37.53 -24.24
CA LEU A 516 -3.05 37.63 -23.71
C LEU A 516 -3.33 36.75 -22.49
N TYR A 517 -2.31 36.03 -22.02
CA TYR A 517 -2.44 35.14 -20.84
C TYR A 517 -2.47 35.98 -19.55
N LYS A 518 -3.38 35.63 -18.66
CA LYS A 518 -3.61 36.39 -17.39
C LYS A 518 -3.61 35.45 -16.17
N GLY A 519 -4.11 34.22 -16.34
CA GLY A 519 -4.17 33.35 -15.18
C GLY A 519 -5.46 33.59 -14.44
N TYR A 520 -5.82 32.67 -13.54
CA TYR A 520 -7.14 32.73 -12.84
C TYR A 520 -7.04 33.55 -11.55
N PHE A 521 -5.84 33.63 -10.98
CA PHE A 521 -5.61 34.30 -9.71
C PHE A 521 -4.87 35.64 -9.77
N GLY A 522 -4.09 35.91 -10.81
CA GLY A 522 -3.32 37.17 -10.86
C GLY A 522 -2.32 37.33 -9.70
N ASP A 523 -1.89 36.22 -9.10
CA ASP A 523 -0.87 36.28 -8.04
C ASP A 523 0.56 36.15 -8.63
N ILE A 524 1.57 36.29 -7.79
CA ILE A 524 2.92 36.17 -8.31
C ILE A 524 3.14 34.88 -9.18
N TRP A 525 2.63 33.73 -8.76
CA TRP A 525 2.80 32.51 -9.56
C TRP A 525 2.18 32.56 -10.96
N ASP A 526 1.08 33.27 -11.11
CA ASP A 526 0.50 33.49 -12.46
C ASP A 526 1.42 34.43 -13.28
N ILE A 527 2.04 35.39 -12.60
CA ILE A 527 2.78 36.45 -13.29
C ILE A 527 4.07 35.86 -13.84
N ILE A 528 4.78 35.16 -12.96
CA ILE A 528 5.98 34.44 -13.33
C ILE A 528 5.74 33.47 -14.46
N LEU A 529 4.64 32.77 -14.40
CA LEU A 529 4.40 31.74 -15.40
C LEU A 529 4.21 32.34 -16.77
N LYS A 530 3.45 33.41 -16.85
CA LYS A 530 3.29 34.13 -18.09
C LYS A 530 4.65 34.49 -18.77
N LYS A 531 5.55 35.16 -18.03
CA LYS A 531 6.88 35.56 -18.54
C LYS A 531 7.69 34.30 -18.90
N ALA A 532 7.54 33.25 -18.06
CA ALA A 532 8.35 32.05 -18.16
C ALA A 532 8.07 31.15 -19.35
N MET A 533 6.84 31.11 -19.81
CA MET A 533 6.45 30.27 -20.95
C MET A 533 6.57 30.99 -22.28
N LYS A 534 6.93 32.27 -22.23
CA LYS A 534 7.16 33.08 -23.44
C LYS A 534 8.41 32.65 -24.16
N ASN A 535 8.57 33.16 -25.38
CA ASN A 535 9.73 32.82 -26.23
C ASN A 535 10.05 31.32 -26.30
N SER A 536 9.13 30.55 -26.89
CA SER A 536 9.13 29.10 -26.81
C SER A 536 8.83 28.43 -28.15
N VAL A 537 8.83 29.22 -29.23
CA VAL A 537 8.48 28.71 -30.56
C VAL A 537 9.37 27.49 -30.87
N GLY A 538 8.80 26.42 -31.41
CA GLY A 538 9.56 25.20 -31.72
C GLY A 538 9.66 24.15 -30.64
N LEU A 539 9.33 24.49 -29.39
CA LEU A 539 9.51 23.56 -28.24
C LEU A 539 8.35 22.57 -28.14
N PRO A 540 8.62 21.34 -27.69
CA PRO A 540 7.53 20.33 -27.62
C PRO A 540 6.60 20.58 -26.50
N VAL A 541 5.37 20.13 -26.71
CA VAL A 541 4.31 20.25 -25.75
C VAL A 541 3.60 18.90 -25.67
N ALA A 542 3.20 18.48 -24.46
CA ALA A 542 2.56 17.16 -24.30
C ALA A 542 1.15 17.25 -23.72
N VAL A 543 0.54 16.06 -23.65
CA VAL A 543 -0.65 15.82 -22.88
C VAL A 543 -0.36 14.72 -21.84
N GLN A 544 -1.31 14.55 -20.93
CA GLN A 544 -1.20 13.59 -19.86
C GLN A 544 -2.30 12.55 -19.97
N CYS A 545 -1.92 11.31 -19.71
CA CYS A 545 -2.83 10.20 -19.80
C CYS A 545 -2.82 9.58 -18.43
N VAL A 546 -4.02 9.30 -17.90
CA VAL A 546 -4.21 8.81 -16.54
C VAL A 546 -5.22 7.64 -16.56
N ALA A 547 -4.98 6.62 -15.74
CA ALA A 547 -5.92 5.53 -15.51
C ALA A 547 -6.04 5.35 -14.03
N LEU A 548 -6.90 4.43 -13.62
CA LEU A 548 -7.07 4.15 -12.22
C LEU A 548 -5.86 3.45 -11.59
N PRO A 549 -5.79 3.38 -10.24
CA PRO A 549 -4.67 2.66 -9.57
C PRO A 549 -4.38 1.27 -10.08
N TRP A 550 -3.12 0.90 -10.22
CA TRP A 550 -2.70 -0.41 -10.70
C TRP A 550 -2.98 -0.71 -12.18
N GLN A 551 -3.49 0.28 -12.91
CA GLN A 551 -3.76 0.14 -14.35
C GLN A 551 -2.67 0.83 -15.24
N GLU A 552 -1.41 0.60 -14.91
CA GLU A 552 -0.30 1.09 -15.73
C GLU A 552 -0.44 0.61 -17.15
N GLU A 553 -0.90 -0.62 -17.33
CA GLU A 553 -0.95 -1.17 -18.68
C GLU A 553 -1.98 -0.44 -19.56
N LEU A 554 -3.15 -0.17 -19.00
CA LEU A 554 -4.16 0.60 -19.70
C LEU A 554 -3.76 2.04 -20.04
N CYS A 555 -3.11 2.68 -19.09
CA CYS A 555 -2.56 4.01 -19.25
C CYS A 555 -1.56 4.00 -20.41
N LEU A 556 -0.66 3.02 -20.42
CA LEU A 556 0.26 2.87 -21.52
C LEU A 556 -0.45 2.60 -22.84
N ARG A 557 -1.55 1.85 -22.80
CA ARG A 557 -2.32 1.57 -24.00
C ARG A 557 -2.87 2.85 -24.56
N PHE A 558 -3.40 3.67 -23.67
CA PHE A 558 -3.99 4.94 -24.09
C PHE A 558 -2.86 5.88 -24.57
N MET A 559 -1.75 5.88 -23.85
CA MET A 559 -0.56 6.67 -24.31
C MET A 559 -0.09 6.19 -25.69
N ARG A 560 -0.07 4.87 -25.89
CA ARG A 560 0.27 4.31 -27.18
C ARG A 560 -0.66 4.82 -28.29
N GLU A 561 -1.94 4.97 -27.98
CA GLU A 561 -2.91 5.43 -28.93
C GLU A 561 -2.70 6.90 -29.25
N VAL A 562 -2.45 7.72 -28.22
CA VAL A 562 -2.25 9.15 -28.42
C VAL A 562 -1.03 9.33 -29.31
N GLU A 563 0.03 8.56 -29.03
CA GLU A 563 1.25 8.58 -29.83
C GLU A 563 0.97 8.27 -31.32
N GLN A 564 0.27 7.18 -31.61
CA GLN A 564 -0.06 6.82 -33.00
C GLN A 564 -0.83 7.93 -33.69
N LEU A 565 -1.81 8.52 -33.02
CA LEU A 565 -2.67 9.49 -33.67
C LEU A 565 -2.06 10.88 -33.89
N MET A 566 -1.21 11.34 -32.97
CA MET A 566 -0.62 12.66 -33.10
C MET A 566 0.79 12.64 -33.71
N THR A 567 1.51 11.54 -33.55
CA THR A 567 2.87 11.42 -34.07
C THR A 567 3.07 10.08 -34.79
N PRO A 568 2.38 9.91 -35.95
CA PRO A 568 2.50 8.68 -36.76
C PRO A 568 3.93 8.29 -37.19
N GLN A 569 4.71 9.27 -37.65
CA GLN A 569 6.06 9.07 -38.23
C GLN A 569 7.12 8.96 -37.13
N LYS A 570 7.68 7.75 -36.98
CA LYS A 570 8.43 7.35 -35.78
C LYS A 570 9.45 6.23 -36.07
N GLY B 27 -27.12 11.16 33.34
CA GLY B 27 -26.01 11.09 32.34
C GLY B 27 -25.45 9.69 32.05
N ARG B 28 -26.35 8.70 31.94
CA ARG B 28 -26.14 7.44 31.16
C ARG B 28 -27.39 7.02 30.33
N GLN B 29 -28.33 7.94 30.10
CA GLN B 29 -29.65 7.61 29.56
C GLN B 29 -29.55 7.06 28.15
N LYS B 30 -28.76 7.71 27.30
CA LYS B 30 -28.63 7.27 25.91
C LYS B 30 -28.02 5.88 25.87
N ALA B 31 -26.99 5.64 26.66
CA ALA B 31 -26.43 4.28 26.72
C ALA B 31 -27.48 3.19 27.11
N ARG B 32 -28.27 3.47 28.14
CA ARG B 32 -29.32 2.52 28.52
C ARG B 32 -30.36 2.35 27.41
N GLY B 33 -30.77 3.46 26.79
CA GLY B 33 -31.73 3.43 25.69
C GLY B 33 -31.23 2.57 24.53
N ALA B 34 -29.96 2.81 24.20
CA ALA B 34 -29.27 2.08 23.13
C ALA B 34 -29.28 0.59 23.38
N ALA B 35 -28.82 0.19 24.56
CA ALA B 35 -28.80 -1.22 24.95
C ALA B 35 -30.19 -1.87 24.88
N THR B 36 -31.21 -1.09 25.20
CA THR B 36 -32.59 -1.59 25.20
C THR B 36 -33.05 -1.80 23.77
N ARG B 37 -32.86 -0.78 22.90
CA ARG B 37 -33.25 -0.91 21.51
C ARG B 37 -32.49 -2.11 20.91
N ALA B 38 -31.19 -2.16 21.14
CA ALA B 38 -30.35 -3.25 20.60
C ALA B 38 -30.74 -4.64 21.12
N ARG B 39 -31.00 -4.74 22.41
CA ARG B 39 -31.56 -6.00 22.93
C ARG B 39 -32.85 -6.38 22.18
N GLN B 40 -33.75 -5.40 21.97
CA GLN B 40 -35.03 -5.64 21.21
C GLN B 40 -34.80 -6.17 19.82
N LYS B 41 -33.88 -5.53 19.08
CA LYS B 41 -33.65 -5.86 17.67
C LYS B 41 -33.02 -7.22 17.59
N GLN B 42 -32.15 -7.53 18.54
CA GLN B 42 -31.59 -8.89 18.61
C GLN B 42 -32.66 -9.99 18.90
N ARG B 43 -33.48 -9.80 19.92
CA ARG B 43 -34.61 -10.75 20.16
C ARG B 43 -35.49 -10.95 18.93
N ALA B 44 -35.91 -9.84 18.34
CA ALA B 44 -36.81 -9.92 17.20
C ALA B 44 -36.14 -10.64 16.03
N SER B 45 -34.83 -10.39 15.81
CA SER B 45 -34.08 -11.10 14.77
C SER B 45 -34.12 -12.62 14.99
N LEU B 46 -33.74 -13.03 16.20
CA LEU B 46 -33.77 -14.43 16.57
C LEU B 46 -35.15 -15.06 16.40
N GLU B 47 -36.21 -14.31 16.74
CA GLU B 47 -37.60 -14.80 16.57
C GLU B 47 -37.87 -15.03 15.08
N THR B 48 -37.52 -14.04 14.26
CA THR B 48 -37.79 -14.12 12.82
C THR B 48 -37.09 -15.37 12.30
N MET B 49 -35.85 -15.57 12.73
CA MET B 49 -35.09 -16.75 12.32
C MET B 49 -35.81 -18.03 12.71
N ASP B 50 -36.16 -18.15 13.97
CA ASP B 50 -36.93 -19.29 14.48
C ASP B 50 -38.17 -19.58 13.61
N LYS B 51 -39.00 -18.56 13.39
CA LYS B 51 -40.24 -18.76 12.59
C LYS B 51 -39.92 -19.32 11.24
N ALA B 52 -39.00 -18.71 10.55
CA ALA B 52 -38.71 -19.12 9.19
C ALA B 52 -38.21 -20.56 9.19
N VAL B 53 -37.33 -20.88 10.11
CA VAL B 53 -36.76 -22.23 10.17
C VAL B 53 -37.85 -23.29 10.43
N GLN B 54 -38.71 -23.04 11.42
CA GLN B 54 -39.81 -23.97 11.71
C GLN B 54 -40.76 -24.14 10.52
N ARG B 55 -41.11 -23.04 9.86
CA ARG B 55 -41.96 -23.13 8.67
C ARG B 55 -41.27 -23.95 7.58
N PHE B 56 -39.96 -23.71 7.37
CA PHE B 56 -39.23 -24.44 6.34
C PHE B 56 -39.17 -25.94 6.60
N ARG B 57 -38.97 -26.29 7.86
CA ARG B 57 -38.86 -27.69 8.24
C ARG B 57 -40.14 -28.46 7.97
N LEU B 58 -41.29 -27.79 8.08
CA LEU B 58 -42.57 -28.49 7.95
C LEU B 58 -42.96 -28.63 6.48
N GLN B 59 -42.47 -27.72 5.62
CA GLN B 59 -42.66 -27.88 4.14
C GLN B 59 -41.71 -28.96 3.59
N ASN B 60 -40.66 -29.30 4.35
CA ASN B 60 -39.57 -30.16 3.84
C ASN B 60 -39.14 -31.18 4.89
N PRO B 61 -40.06 -32.10 5.24
CA PRO B 61 -39.83 -32.99 6.40
C PRO B 61 -38.77 -34.04 6.13
N ASP B 62 -38.60 -34.38 4.85
CA ASP B 62 -37.71 -35.46 4.45
C ASP B 62 -36.37 -34.96 3.95
N LEU B 63 -35.78 -34.05 4.72
CA LEU B 63 -34.49 -33.48 4.35
C LEU B 63 -33.50 -33.84 5.48
N ASP B 64 -32.50 -34.65 5.16
CA ASP B 64 -31.53 -35.03 6.16
C ASP B 64 -30.72 -33.77 6.48
N SER B 65 -31.06 -33.16 7.61
CA SER B 65 -30.47 -31.89 7.98
C SER B 65 -29.04 -32.08 8.48
N GLU B 66 -28.83 -33.09 9.32
CA GLU B 66 -27.54 -33.29 9.91
C GLU B 66 -26.47 -33.69 8.87
N ALA B 67 -26.90 -34.38 7.80
CA ALA B 67 -26.00 -34.78 6.70
C ALA B 67 -25.46 -33.55 6.03
N LEU B 68 -26.37 -32.60 5.82
CA LEU B 68 -26.09 -31.34 5.21
C LEU B 68 -25.16 -30.47 6.04
N LEU B 69 -25.37 -30.41 7.35
CA LEU B 69 -24.61 -29.53 8.20
C LEU B 69 -23.15 -29.93 8.40
N THR B 70 -22.88 -31.21 8.16
CA THR B 70 -21.54 -31.75 8.38
C THR B 70 -20.75 -31.85 7.10
N LEU B 71 -21.38 -31.69 5.93
CA LEU B 71 -20.60 -31.59 4.68
C LEU B 71 -19.47 -30.58 4.79
N PRO B 72 -18.29 -30.95 4.34
CA PRO B 72 -17.27 -29.89 4.16
C PRO B 72 -17.73 -28.88 3.13
N LEU B 73 -17.45 -27.61 3.39
CA LEU B 73 -17.86 -26.53 2.47
C LEU B 73 -17.65 -26.87 1.01
N LEU B 74 -16.49 -27.38 0.67
CA LEU B 74 -16.22 -27.69 -0.72
C LEU B 74 -17.27 -28.60 -1.32
N GLN B 75 -17.66 -29.63 -0.58
CA GLN B 75 -18.70 -30.55 -1.05
C GLN B 75 -20.05 -29.88 -1.04
N LEU B 76 -20.31 -29.02 -0.05
CA LEU B 76 -21.56 -28.27 -0.02
C LEU B 76 -21.77 -27.50 -1.29
N VAL B 77 -20.76 -26.72 -1.60
CA VAL B 77 -20.71 -25.93 -2.79
C VAL B 77 -20.96 -26.75 -4.05
N GLN B 78 -20.33 -27.93 -4.11
CA GLN B 78 -20.39 -28.71 -5.34
C GLN B 78 -21.82 -29.21 -5.56
N LYS B 79 -22.42 -29.67 -4.46
CA LYS B 79 -23.80 -30.09 -4.45
C LYS B 79 -24.77 -28.95 -4.70
N LEU B 80 -24.45 -27.76 -4.23
CA LEU B 80 -25.26 -26.59 -4.62
C LEU B 80 -25.15 -26.27 -6.12
N GLN B 81 -23.97 -26.47 -6.69
CA GLN B 81 -23.73 -26.17 -8.11
C GLN B 81 -24.47 -27.16 -8.99
N SER B 82 -24.34 -28.44 -8.69
CA SER B 82 -24.98 -29.49 -9.49
C SER B 82 -26.51 -29.45 -9.40
N GLY B 83 -27.05 -28.85 -8.33
CA GLY B 83 -28.48 -28.78 -8.12
C GLY B 83 -28.99 -30.00 -7.34
N GLU B 84 -28.07 -30.72 -6.71
CA GLU B 84 -28.44 -31.81 -5.80
C GLU B 84 -28.99 -31.26 -4.46
N LEU B 85 -28.63 -30.04 -4.10
CA LEU B 85 -29.19 -29.39 -2.92
C LEU B 85 -29.66 -28.02 -3.32
N SER B 86 -30.90 -27.70 -2.99
CA SER B 86 -31.44 -26.36 -3.25
C SER B 86 -30.79 -25.36 -2.26
N PRO B 87 -30.72 -24.06 -2.63
CA PRO B 87 -30.27 -22.97 -1.74
C PRO B 87 -31.16 -22.77 -0.51
N GLU B 88 -32.47 -22.82 -0.72
CA GLU B 88 -33.41 -22.78 0.39
C GLU B 88 -33.02 -23.87 1.41
N ALA B 89 -32.81 -25.10 0.94
CA ALA B 89 -32.48 -26.19 1.86
C ALA B 89 -31.22 -25.92 2.66
N VAL B 90 -30.20 -25.40 2.01
CA VAL B 90 -28.93 -25.14 2.71
C VAL B 90 -29.08 -23.94 3.62
N PHE B 91 -29.80 -22.92 3.16
CA PHE B 91 -29.95 -21.67 3.90
C PHE B 91 -30.66 -21.93 5.20
N PHE B 92 -31.83 -22.55 5.12
CA PHE B 92 -32.68 -22.67 6.29
C PHE B 92 -32.14 -23.65 7.30
N THR B 93 -31.40 -24.64 6.81
CA THR B 93 -30.80 -25.60 7.69
C THR B 93 -29.69 -24.91 8.52
N TYR B 94 -28.82 -24.15 7.87
CA TYR B 94 -27.79 -23.40 8.62
C TYR B 94 -28.46 -22.38 9.52
N LEU B 95 -29.54 -21.79 9.04
CA LEU B 95 -30.20 -20.79 9.83
C LEU B 95 -30.67 -21.39 11.12
N GLY B 96 -31.30 -22.58 11.06
CA GLY B 96 -31.73 -23.25 12.30
C GLY B 96 -30.57 -23.61 13.24
N LYS B 97 -29.46 -24.01 12.64
CA LYS B 97 -28.33 -24.43 13.42
C LYS B 97 -27.74 -23.22 14.12
N ALA B 98 -27.66 -22.08 13.41
CA ALA B 98 -27.20 -20.81 13.99
C ALA B 98 -28.05 -20.40 15.18
N TRP B 99 -29.39 -20.42 14.95
CA TRP B 99 -30.34 -20.10 16.00
C TRP B 99 -30.08 -21.00 17.22
N GLU B 100 -29.93 -22.31 17.01
CA GLU B 100 -29.64 -23.25 18.12
C GLU B 100 -28.35 -23.01 18.91
N VAL B 101 -27.21 -22.84 18.21
CA VAL B 101 -25.93 -22.69 18.90
C VAL B 101 -25.84 -21.35 19.58
N ASN B 102 -26.61 -20.39 19.07
CA ASN B 102 -26.61 -19.09 19.65
C ASN B 102 -27.13 -19.15 21.09
N LYS B 103 -27.99 -20.14 21.43
CA LYS B 103 -28.55 -20.24 22.79
C LYS B 103 -27.45 -20.31 23.85
N GLY B 104 -26.48 -21.20 23.64
CA GLY B 104 -25.36 -21.26 24.54
C GLY B 104 -24.23 -20.26 24.30
N THR B 105 -24.25 -19.50 23.19
CA THR B 105 -23.10 -18.67 22.85
C THR B 105 -23.29 -17.17 22.74
N ASN B 106 -24.53 -16.71 22.49
CA ASN B 106 -24.82 -15.31 22.24
C ASN B 106 -23.80 -14.71 21.25
N CYS B 107 -23.68 -15.32 20.07
CA CYS B 107 -22.81 -14.88 19.04
C CYS B 107 -23.49 -14.05 17.94
N VAL B 108 -24.82 -14.09 17.86
CA VAL B 108 -25.54 -13.46 16.81
C VAL B 108 -26.20 -12.19 17.32
N THR B 109 -25.85 -11.05 16.71
CA THR B 109 -26.48 -9.77 17.02
C THR B 109 -27.67 -9.43 16.16
N SER B 110 -27.66 -9.85 14.90
CA SER B 110 -28.72 -9.47 13.98
C SER B 110 -28.88 -10.50 12.88
N TYR B 111 -30.12 -10.67 12.42
CA TYR B 111 -30.40 -11.53 11.30
C TYR B 111 -30.49 -10.59 10.11
N LEU B 112 -29.76 -10.85 9.02
CA LEU B 112 -29.70 -9.91 7.91
C LEU B 112 -30.94 -10.07 7.07
N THR B 113 -32.05 -9.53 7.60
CA THR B 113 -33.46 -9.81 7.18
C THR B 113 -33.68 -9.92 5.65
N ASP B 114 -32.98 -9.07 4.87
CA ASP B 114 -32.95 -9.05 3.37
C ASP B 114 -32.80 -10.40 2.68
N CYS B 115 -32.16 -11.34 3.37
CA CYS B 115 -31.47 -12.47 2.75
C CYS B 115 -32.28 -13.69 2.21
N GLU B 116 -33.60 -13.74 2.44
CA GLU B 116 -34.44 -14.78 1.80
C GLU B 116 -34.71 -14.39 0.34
N THR B 117 -34.80 -13.08 0.12
CA THR B 117 -34.93 -12.46 -1.20
C THR B 117 -33.55 -12.58 -1.98
N GLN B 118 -32.44 -12.39 -1.28
CA GLN B 118 -31.07 -12.68 -1.80
C GLN B 118 -30.79 -14.13 -2.30
N LEU B 119 -31.32 -15.09 -1.55
CA LEU B 119 -31.35 -16.51 -1.92
C LEU B 119 -31.81 -16.79 -3.37
N SER B 120 -32.96 -16.22 -3.72
CA SER B 120 -33.56 -16.46 -5.04
C SER B 120 -32.82 -15.69 -6.15
N GLN B 121 -32.27 -14.52 -5.83
CA GLN B 121 -31.50 -13.69 -6.79
C GLN B 121 -30.03 -14.13 -7.00
N ALA B 122 -29.59 -15.20 -6.30
CA ALA B 122 -28.15 -15.50 -6.18
C ALA B 122 -27.46 -15.95 -7.49
N PRO B 123 -26.47 -15.17 -7.99
CA PRO B 123 -25.85 -15.56 -9.30
C PRO B 123 -25.35 -17.03 -9.42
N ARG B 124 -25.89 -17.72 -10.41
CA ARG B 124 -25.90 -19.18 -10.49
C ARG B 124 -24.53 -19.81 -10.71
N GLN B 125 -23.68 -19.19 -11.52
CA GLN B 125 -22.30 -19.71 -11.72
C GLN B 125 -21.31 -19.07 -10.76
N GLY B 126 -21.82 -18.33 -9.79
CA GLY B 126 -20.98 -17.80 -8.74
C GLY B 126 -20.27 -18.92 -8.00
N LEU B 127 -19.03 -18.65 -7.59
CA LEU B 127 -18.16 -19.62 -6.94
C LEU B 127 -18.63 -20.05 -5.56
N LEU B 128 -19.48 -19.24 -4.93
CA LEU B 128 -20.10 -19.54 -3.66
C LEU B 128 -21.63 -19.56 -3.74
N TYR B 129 -22.18 -19.95 -4.90
CA TYR B 129 -23.63 -19.98 -5.11
C TYR B 129 -24.29 -20.78 -3.98
N GLY B 130 -25.16 -20.09 -3.24
CA GLY B 130 -25.98 -20.63 -2.17
C GLY B 130 -25.36 -20.79 -0.80
N VAL B 131 -24.11 -20.35 -0.62
CA VAL B 131 -23.42 -20.51 0.64
C VAL B 131 -23.85 -19.46 1.65
N PRO B 132 -24.43 -19.87 2.80
CA PRO B 132 -24.66 -18.87 3.82
C PRO B 132 -23.37 -18.49 4.47
N VAL B 133 -23.16 -17.20 4.64
CA VAL B 133 -21.90 -16.65 5.13
C VAL B 133 -22.18 -15.71 6.30
N SER B 134 -21.46 -15.88 7.39
CA SER B 134 -21.65 -15.04 8.56
C SER B 134 -20.65 -13.90 8.47
N LEU B 135 -21.00 -12.78 9.08
CA LEU B 135 -20.25 -11.57 8.96
C LEU B 135 -20.08 -10.86 10.28
N LYS B 136 -18.86 -10.56 10.61
CA LYS B 136 -18.56 -9.80 11.77
C LYS B 136 -19.35 -8.54 11.68
N GLU B 137 -19.79 -8.03 12.82
CA GLU B 137 -20.71 -6.88 12.85
C GLU B 137 -20.23 -5.64 12.10
N CYS B 138 -18.91 -5.45 11.96
CA CYS B 138 -18.35 -4.27 11.33
C CYS B 138 -18.46 -4.29 9.83
N PHE B 139 -18.74 -5.45 9.23
CA PHE B 139 -18.98 -5.51 7.79
C PHE B 139 -20.33 -4.96 7.45
N SER B 140 -20.34 -3.70 7.07
CA SER B 140 -21.55 -2.95 6.78
C SER B 140 -22.52 -3.63 5.89
N TYR B 141 -23.78 -3.63 6.32
CA TYR B 141 -24.85 -4.30 5.57
C TYR B 141 -26.01 -3.34 5.50
N LYS B 142 -26.53 -3.15 4.28
CA LYS B 142 -27.57 -2.19 4.05
C LYS B 142 -28.75 -2.36 4.98
N GLY B 143 -29.05 -1.33 5.74
CA GLY B 143 -30.20 -1.29 6.62
C GLY B 143 -30.01 -1.91 7.99
N HIS B 144 -28.78 -2.28 8.34
CA HIS B 144 -28.43 -2.72 9.69
C HIS B 144 -27.34 -1.86 10.29
N ASP B 145 -27.41 -1.71 11.61
CA ASP B 145 -26.39 -0.98 12.36
C ASP B 145 -25.12 -1.82 12.34
N SER B 146 -23.98 -1.14 12.38
CA SER B 146 -22.73 -1.71 12.78
C SER B 146 -22.28 -0.90 14.01
N THR B 147 -22.75 -1.37 15.15
CA THR B 147 -22.57 -0.71 16.42
C THR B 147 -21.25 -0.84 17.03
N LEU B 148 -20.60 -2.01 16.84
CA LEU B 148 -19.32 -2.22 17.46
C LEU B 148 -19.50 -2.20 18.98
N GLY B 149 -20.69 -2.52 19.43
CA GLY B 149 -20.99 -2.50 20.85
C GLY B 149 -21.01 -1.13 21.46
N LEU B 150 -21.06 -0.11 20.62
CA LEU B 150 -20.91 1.27 21.09
C LEU B 150 -22.23 2.00 20.91
N SER B 151 -22.64 2.79 21.89
CA SER B 151 -23.98 3.34 21.84
C SER B 151 -24.06 4.45 20.76
N LEU B 152 -22.94 5.16 20.56
CA LEU B 152 -22.73 6.16 19.53
C LEU B 152 -23.22 5.71 18.17
N ASN B 153 -23.13 4.43 17.88
CA ASN B 153 -23.43 3.87 16.56
C ASN B 153 -24.73 3.12 16.51
N GLU B 154 -25.47 3.07 17.60
CA GLU B 154 -26.78 2.41 17.60
C GLU B 154 -27.81 3.34 16.91
N GLY B 155 -28.71 2.75 16.12
CA GLY B 155 -29.69 3.51 15.38
C GLY B 155 -29.09 4.36 14.26
N MET B 156 -28.00 3.90 13.66
CA MET B 156 -27.32 4.57 12.58
C MET B 156 -27.15 3.51 11.53
N PRO B 157 -28.20 3.16 10.85
CA PRO B 157 -28.01 2.04 9.93
C PRO B 157 -27.23 2.36 8.66
N SER B 158 -26.65 1.32 8.12
CA SER B 158 -25.74 1.44 7.06
C SER B 158 -26.64 1.69 5.89
N GLU B 159 -26.19 2.55 5.02
CA GLU B 159 -26.88 2.97 3.83
C GLU B 159 -26.48 2.16 2.61
N SER B 160 -25.43 1.35 2.71
CA SER B 160 -25.06 0.39 1.65
C SER B 160 -24.17 -0.73 2.19
N ASP B 161 -24.13 -1.83 1.46
CA ASP B 161 -23.27 -2.94 1.70
C ASP B 161 -21.83 -2.51 1.45
N CYS B 162 -20.92 -2.97 2.27
CA CYS B 162 -19.53 -2.79 2.02
C CYS B 162 -19.11 -3.63 0.81
N VAL B 163 -17.97 -3.25 0.24
CA VAL B 163 -17.46 -3.88 -0.95
C VAL B 163 -17.35 -5.41 -0.87
N VAL B 164 -16.73 -5.96 0.17
CA VAL B 164 -16.63 -7.43 0.25
C VAL B 164 -18.00 -8.12 0.36
N VAL B 165 -18.97 -7.46 0.96
CA VAL B 165 -20.34 -8.01 1.03
C VAL B 165 -20.98 -8.02 -0.37
N GLN B 166 -20.67 -7.03 -1.17
CA GLN B 166 -21.18 -7.01 -2.53
C GLN B 166 -20.53 -8.11 -3.34
N VAL B 167 -19.22 -8.29 -3.17
CA VAL B 167 -18.57 -9.34 -3.92
C VAL B 167 -19.09 -10.72 -3.47
N LEU B 168 -19.27 -10.91 -2.16
CA LEU B 168 -19.83 -12.19 -1.69
C LEU B 168 -21.17 -12.41 -2.43
N LYS B 169 -22.00 -11.36 -2.49
CA LYS B 169 -23.32 -11.46 -3.17
C LYS B 169 -23.19 -11.74 -4.64
N LEU B 170 -22.33 -11.01 -5.35
CA LEU B 170 -22.04 -11.29 -6.77
C LEU B 170 -21.45 -12.70 -7.05
N GLN B 171 -20.94 -13.39 -6.02
CA GLN B 171 -20.43 -14.74 -6.18
C GLN B 171 -21.42 -15.79 -5.73
N GLY B 172 -22.65 -15.33 -5.43
CA GLY B 172 -23.76 -16.19 -5.13
C GLY B 172 -23.93 -16.53 -3.67
N ALA B 173 -23.12 -15.95 -2.78
CA ALA B 173 -23.24 -16.25 -1.35
C ALA B 173 -24.39 -15.52 -0.71
N VAL B 174 -24.84 -15.99 0.45
CA VAL B 174 -25.95 -15.35 1.16
C VAL B 174 -25.58 -14.93 2.58
N PRO B 175 -25.03 -13.72 2.75
CA PRO B 175 -24.69 -13.28 4.08
C PRO B 175 -25.97 -13.32 4.90
N PHE B 176 -25.99 -13.98 6.05
CA PHE B 176 -27.22 -14.15 6.76
C PHE B 176 -27.26 -13.66 8.19
N VAL B 177 -26.11 -13.43 8.84
CA VAL B 177 -26.10 -12.91 10.21
C VAL B 177 -24.95 -11.97 10.42
N HIS B 178 -25.16 -10.99 11.28
CA HIS B 178 -24.08 -10.32 11.96
C HIS B 178 -23.74 -10.97 13.30
N THR B 179 -22.44 -11.11 13.55
CA THR B 179 -21.93 -11.70 14.76
C THR B 179 -21.22 -10.72 15.69
N ASN B 180 -21.17 -11.09 16.96
CA ASN B 180 -20.82 -10.16 18.03
C ASN B 180 -19.35 -9.85 18.11
N VAL B 181 -19.08 -8.69 18.70
CA VAL B 181 -17.69 -8.23 18.90
C VAL B 181 -17.58 -7.59 20.27
N PRO B 182 -16.38 -7.61 20.85
CA PRO B 182 -16.17 -6.80 22.03
C PRO B 182 -16.34 -5.33 21.73
N GLN B 183 -16.62 -4.55 22.75
CA GLN B 183 -16.89 -3.17 22.59
C GLN B 183 -15.71 -2.47 21.92
N SER B 184 -16.00 -1.81 20.79
CA SER B 184 -15.04 -1.01 19.97
C SER B 184 -14.29 -1.90 19.01
N MET B 185 -14.35 -3.19 19.22
CA MET B 185 -13.57 -4.17 18.48
C MET B 185 -12.06 -4.24 18.93
N PHE B 186 -11.63 -3.45 19.92
CA PHE B 186 -10.26 -3.40 20.29
C PHE B 186 -10.03 -4.13 21.59
N SER B 187 -9.79 -5.44 21.46
CA SER B 187 -9.80 -6.40 22.51
C SER B 187 -9.77 -7.80 21.84
N TYR B 188 -9.11 -8.77 22.49
CA TYR B 188 -9.30 -10.17 22.05
C TYR B 188 -10.32 -10.97 22.93
N ASP B 189 -11.22 -10.26 23.59
CA ASP B 189 -12.39 -10.89 24.28
C ASP B 189 -13.62 -10.53 23.44
N CYS B 190 -14.86 -10.75 23.87
CA CYS B 190 -16.04 -10.55 23.00
C CYS B 190 -17.29 -10.23 23.74
N SER B 191 -17.20 -9.20 24.59
CA SER B 191 -18.38 -8.62 25.23
C SER B 191 -18.59 -7.10 25.03
N ASN B 192 -19.87 -6.69 25.01
CA ASN B 192 -20.23 -5.28 24.95
C ASN B 192 -21.54 -4.99 25.68
N PRO B 193 -21.74 -3.73 26.03
CA PRO B 193 -22.94 -3.34 26.81
C PRO B 193 -24.25 -3.40 26.02
N LEU B 194 -24.18 -3.52 24.70
CA LEU B 194 -25.39 -3.62 23.89
C LEU B 194 -25.86 -5.07 23.78
N PHE B 195 -25.07 -5.95 23.16
CA PHE B 195 -25.51 -7.34 22.97
C PHE B 195 -25.02 -8.28 24.05
N GLY B 196 -24.23 -7.77 24.99
CA GLY B 196 -23.67 -8.60 26.05
C GLY B 196 -22.46 -9.43 25.59
N GLN B 197 -22.33 -10.60 26.20
CA GLN B 197 -21.10 -11.34 26.28
C GLN B 197 -21.19 -12.62 25.49
N THR B 198 -20.30 -12.77 24.53
CA THR B 198 -20.26 -14.01 23.77
C THR B 198 -19.40 -15.00 24.49
N MET B 199 -19.78 -16.28 24.44
CA MET B 199 -19.08 -17.32 25.17
C MET B 199 -18.57 -18.38 24.23
N ASN B 200 -17.47 -19.03 24.66
CA ASN B 200 -16.83 -20.08 23.93
C ASN B 200 -17.74 -21.32 23.93
N PRO B 201 -17.98 -21.90 22.75
CA PRO B 201 -18.89 -23.03 22.60
C PRO B 201 -18.33 -24.34 23.10
N TRP B 202 -17.06 -24.36 23.45
CA TRP B 202 -16.45 -25.53 24.11
C TRP B 202 -16.54 -25.47 25.65
N LYS B 203 -16.74 -24.29 26.24
CA LYS B 203 -16.80 -24.18 27.68
C LYS B 203 -17.25 -22.80 27.94
N SER B 204 -18.38 -22.67 28.61
CA SER B 204 -18.97 -21.35 28.71
C SER B 204 -18.31 -20.45 29.76
N SER B 205 -17.41 -20.96 30.59
CA SER B 205 -16.60 -20.08 31.44
C SER B 205 -15.47 -19.36 30.63
N LYS B 206 -15.28 -19.76 29.36
CA LYS B 206 -14.16 -19.25 28.53
C LYS B 206 -14.51 -18.23 27.45
N SER B 207 -13.55 -17.34 27.15
CA SER B 207 -13.73 -16.40 26.08
C SER B 207 -13.69 -17.16 24.75
N PRO B 208 -14.42 -16.69 23.75
CA PRO B 208 -14.31 -17.32 22.42
C PRO B 208 -13.20 -16.68 21.62
N GLY B 209 -12.63 -15.60 22.17
CA GLY B 209 -11.61 -14.83 21.47
C GLY B 209 -12.25 -13.62 20.83
N GLY B 210 -11.46 -12.79 20.20
CA GLY B 210 -11.96 -11.64 19.56
C GLY B 210 -10.86 -10.85 18.86
N SER B 211 -11.23 -9.71 18.23
CA SER B 211 -12.57 -9.23 18.22
C SER B 211 -13.56 -9.94 17.30
N SER B 212 -13.14 -10.87 16.47
CA SER B 212 -14.08 -11.63 15.63
C SER B 212 -14.61 -12.86 16.40
N GLY B 213 -15.02 -12.63 17.64
CA GLY B 213 -15.37 -13.73 18.50
C GLY B 213 -16.68 -14.40 18.16
N GLY B 214 -17.66 -13.58 17.77
CA GLY B 214 -18.92 -14.05 17.32
C GLY B 214 -18.74 -15.12 16.25
N GLU B 215 -17.87 -14.82 15.29
CA GLU B 215 -17.65 -15.70 14.14
C GLU B 215 -17.04 -16.97 14.59
N GLY B 216 -16.11 -16.85 15.54
CA GLY B 216 -15.43 -18.01 16.05
C GLY B 216 -16.40 -18.91 16.81
N ALA B 217 -17.27 -18.32 17.61
CA ALA B 217 -18.23 -19.12 18.34
C ALA B 217 -19.28 -19.77 17.41
N LEU B 218 -19.70 -19.04 16.38
CA LEU B 218 -20.70 -19.56 15.48
C LEU B 218 -20.13 -20.64 14.60
N ILE B 219 -19.01 -20.34 13.94
CA ILE B 219 -18.47 -21.29 13.01
C ILE B 219 -18.02 -22.52 13.77
N GLY B 220 -17.43 -22.29 14.93
CA GLY B 220 -16.85 -23.33 15.73
C GLY B 220 -17.89 -24.22 16.36
N SER B 221 -19.16 -23.78 16.43
CA SER B 221 -20.17 -24.68 16.89
C SER B 221 -20.99 -25.25 15.74
N GLY B 222 -20.56 -25.01 14.52
CA GLY B 222 -21.09 -25.75 13.37
C GLY B 222 -22.24 -25.08 12.69
N GLY B 223 -22.51 -23.84 13.10
CA GLY B 223 -23.61 -23.05 12.54
C GLY B 223 -23.40 -22.01 11.41
N SER B 224 -22.19 -21.95 10.88
CA SER B 224 -21.88 -21.19 9.67
C SER B 224 -20.70 -21.91 9.03
N PRO B 225 -20.75 -22.15 7.72
CA PRO B 225 -19.64 -22.80 7.08
C PRO B 225 -18.54 -21.81 6.70
N LEU B 226 -18.84 -20.52 6.67
CA LEU B 226 -17.86 -19.52 6.18
C LEU B 226 -18.24 -18.18 6.72
N GLY B 227 -17.22 -17.48 7.22
CA GLY B 227 -17.37 -16.16 7.81
C GLY B 227 -16.19 -15.28 7.49
N LEU B 228 -16.34 -13.97 7.70
CA LEU B 228 -15.32 -12.95 7.54
C LEU B 228 -15.12 -12.21 8.82
N GLY B 229 -13.87 -11.93 9.12
CA GLY B 229 -13.53 -11.12 10.27
C GLY B 229 -12.46 -10.15 9.91
N THR B 230 -12.05 -9.34 10.89
CA THR B 230 -10.98 -8.33 10.71
C THR B 230 -9.95 -8.57 11.83
N ASP B 231 -8.73 -8.02 11.68
CA ASP B 231 -7.56 -8.34 12.50
C ASP B 231 -6.57 -7.18 12.49
N ILE B 232 -6.26 -6.62 13.66
CA ILE B 232 -5.23 -5.62 13.74
C ILE B 232 -4.11 -5.94 14.77
N GLY B 233 -4.41 -6.87 15.69
CA GLY B 233 -3.51 -7.40 16.74
C GLY B 233 -3.73 -8.89 16.94
N GLY B 234 -4.51 -9.49 16.02
CA GLY B 234 -4.84 -10.91 16.11
C GLY B 234 -6.29 -11.34 15.99
N SER B 235 -7.16 -10.41 15.68
CA SER B 235 -8.61 -10.58 15.85
C SER B 235 -9.29 -11.60 14.96
N ILE B 236 -8.57 -12.17 13.99
CA ILE B 236 -9.04 -13.36 13.30
C ILE B 236 -8.47 -14.59 13.97
N ARG B 237 -7.20 -14.48 14.37
CA ARG B 237 -6.43 -15.65 14.80
C ARG B 237 -6.71 -16.06 16.27
N PHE B 238 -6.98 -15.13 17.17
CA PHE B 238 -7.43 -15.49 18.50
C PHE B 238 -8.71 -16.31 18.48
N PRO B 239 -9.82 -15.79 17.89
CA PRO B 239 -11.06 -16.54 18.03
C PRO B 239 -11.06 -17.81 17.25
N SER B 240 -10.28 -17.83 16.17
CA SER B 240 -10.13 -19.06 15.41
C SER B 240 -9.43 -20.17 16.27
N ALA B 241 -8.37 -19.78 16.97
CA ALA B 241 -7.58 -20.73 17.76
C ALA B 241 -8.32 -21.14 19.05
N PHE B 242 -9.00 -20.19 19.67
CA PHE B 242 -9.69 -20.39 20.89
C PHE B 242 -10.99 -21.26 20.68
N CYS B 243 -11.67 -21.11 19.54
CA CYS B 243 -12.82 -21.85 19.20
C CYS B 243 -12.54 -23.03 18.29
N GLY B 244 -11.29 -23.28 17.91
CA GLY B 244 -10.98 -24.54 17.18
C GLY B 244 -11.30 -24.54 15.71
N ILE B 245 -11.13 -23.40 15.04
CA ILE B 245 -11.38 -23.30 13.59
C ILE B 245 -10.17 -22.68 12.90
N CYS B 246 -10.17 -22.69 11.58
CA CYS B 246 -9.11 -22.12 10.78
C CYS B 246 -9.47 -20.71 10.48
N GLY B 247 -8.47 -19.82 10.51
CA GLY B 247 -8.65 -18.46 10.08
C GLY B 247 -7.40 -17.96 9.39
N LEU B 248 -7.54 -17.02 8.48
CA LEU B 248 -6.39 -16.38 7.81
C LEU B 248 -6.49 -14.83 7.80
N LYS B 249 -5.41 -14.17 8.20
CA LYS B 249 -5.33 -12.75 8.14
C LYS B 249 -4.41 -12.34 6.97
N PRO B 250 -4.95 -12.00 5.81
CA PRO B 250 -4.06 -11.65 4.69
C PRO B 250 -3.20 -10.41 4.91
N THR B 251 -2.38 -10.08 3.91
CA THR B 251 -1.60 -8.86 3.92
C THR B 251 -2.69 -7.81 3.88
N GLY B 252 -2.49 -6.70 4.60
CA GLY B 252 -3.52 -5.72 4.81
C GLY B 252 -4.29 -5.15 3.61
N ASN B 253 -3.63 -4.97 2.49
CA ASN B 253 -4.33 -4.46 1.32
C ASN B 253 -4.51 -5.49 0.20
N ARG B 254 -4.65 -6.76 0.60
CA ARG B 254 -5.01 -7.81 -0.35
C ARG B 254 -6.49 -7.83 -0.61
N LEU B 255 -7.28 -7.48 0.39
CA LEU B 255 -8.71 -7.32 0.21
C LEU B 255 -9.26 -5.92 0.56
N SER B 256 -10.44 -5.60 0.07
CA SER B 256 -11.00 -4.26 0.25
C SER B 256 -11.56 -4.05 1.64
N LYS B 257 -11.00 -3.06 2.34
CA LYS B 257 -11.57 -2.48 3.55
C LYS B 257 -12.67 -1.41 3.34
N SER B 258 -13.09 -1.25 2.09
CA SER B 258 -13.99 -0.15 1.75
C SER B 258 -15.42 -0.45 2.29
N GLY B 259 -15.92 0.41 3.16
CA GLY B 259 -17.25 0.27 3.69
C GLY B 259 -17.29 -0.34 5.03
N LEU B 260 -16.15 -0.84 5.52
CA LEU B 260 -16.07 -1.36 6.85
C LEU B 260 -16.28 -0.29 7.86
N LYS B 261 -16.96 -0.63 8.93
CA LYS B 261 -17.20 0.28 10.03
C LYS B 261 -16.02 0.24 10.93
N GLY B 262 -15.46 1.42 11.18
CA GLY B 262 -14.33 1.60 12.09
C GLY B 262 -14.60 2.46 13.30
N CYS B 263 -13.53 2.90 13.97
CA CYS B 263 -13.58 3.76 15.15
C CYS B 263 -12.39 4.73 15.25
N VAL B 264 -11.33 4.45 14.47
CA VAL B 264 -10.19 5.36 14.26
C VAL B 264 -9.94 5.54 12.77
N TYR B 265 -9.69 6.74 12.34
CA TYR B 265 -9.52 6.97 10.92
C TYR B 265 -8.14 7.61 10.62
N GLY B 266 -7.46 7.03 9.62
CA GLY B 266 -6.17 7.49 9.12
C GLY B 266 -4.93 6.92 9.80
N GLN B 267 -5.09 5.89 10.63
CA GLN B 267 -3.94 5.31 11.28
C GLN B 267 -3.45 4.29 10.25
N THR B 268 -2.32 4.55 9.60
CA THR B 268 -1.81 3.69 8.55
C THR B 268 -0.47 2.96 8.90
N ALA B 269 0.16 3.28 10.01
CA ALA B 269 1.35 2.55 10.47
C ALA B 269 1.18 1.03 10.71
N VAL B 270 0.14 0.67 11.44
CA VAL B 270 -0.29 -0.72 11.58
C VAL B 270 -1.65 -0.88 10.89
N GLN B 271 -1.67 -1.56 9.77
CA GLN B 271 -2.89 -1.65 9.01
C GLN B 271 -3.78 -2.76 9.50
N LEU B 272 -5.05 -2.53 9.25
CA LEU B 272 -6.14 -3.40 9.56
C LEU B 272 -6.22 -4.39 8.44
N SER B 273 -6.61 -5.64 8.70
CA SER B 273 -6.75 -6.62 7.62
C SER B 273 -8.05 -7.36 7.78
N LEU B 274 -8.53 -7.99 6.73
CA LEU B 274 -9.76 -8.75 6.79
C LEU B 274 -9.56 -10.04 6.03
N GLY B 275 -10.31 -11.06 6.44
CA GLY B 275 -10.03 -12.39 5.98
C GLY B 275 -11.04 -13.36 6.49
N PRO B 276 -11.04 -14.56 5.92
CA PRO B 276 -11.98 -15.62 6.22
C PRO B 276 -11.70 -16.46 7.45
N MET B 277 -12.75 -17.10 7.94
CA MET B 277 -12.76 -18.02 9.06
C MET B 277 -13.70 -19.13 8.58
N ALA B 278 -13.29 -20.36 8.81
CA ALA B 278 -14.00 -21.51 8.35
C ALA B 278 -13.47 -22.74 9.10
N ARG B 279 -14.06 -23.91 8.85
CA ARG B 279 -13.69 -25.12 9.61
C ARG B 279 -12.54 -25.90 8.99
N ASP B 280 -12.17 -25.55 7.76
CA ASP B 280 -11.04 -26.13 7.13
C ASP B 280 -10.22 -25.09 6.30
N VAL B 281 -9.00 -25.43 5.94
CA VAL B 281 -8.16 -24.52 5.19
C VAL B 281 -8.68 -24.30 3.76
N GLU B 282 -9.21 -25.36 3.18
CA GLU B 282 -9.74 -25.35 1.83
C GLU B 282 -10.85 -24.35 1.70
N SER B 283 -11.57 -24.14 2.79
CA SER B 283 -12.65 -23.19 2.78
C SER B 283 -12.09 -21.81 2.68
N LEU B 284 -10.94 -21.58 3.33
CA LEU B 284 -10.40 -20.24 3.38
C LEU B 284 -9.86 -19.88 2.01
N ALA B 285 -9.23 -20.85 1.36
CA ALA B 285 -8.81 -20.72 -0.01
C ALA B 285 -9.93 -20.44 -0.98
N LEU B 286 -11.07 -21.02 -0.76
CA LEU B 286 -12.18 -20.84 -1.69
C LEU B 286 -12.76 -19.43 -1.56
N CYS B 287 -12.88 -18.98 -0.32
CA CYS B 287 -13.27 -17.64 -0.05
C CYS B 287 -12.35 -16.62 -0.71
N LEU B 288 -11.05 -16.82 -0.60
CA LEU B 288 -10.11 -15.86 -1.18
C LEU B 288 -10.28 -15.95 -2.69
N LYS B 289 -10.41 -17.15 -3.25
CA LYS B 289 -10.44 -17.30 -4.73
C LYS B 289 -11.66 -16.57 -5.26
N ALA B 290 -12.73 -16.70 -4.50
CA ALA B 290 -13.96 -15.99 -4.82
C ALA B 290 -13.93 -14.50 -4.63
N LEU B 291 -13.31 -14.02 -3.55
CA LEU B 291 -13.23 -12.55 -3.39
C LEU B 291 -12.21 -11.88 -4.37
N LEU B 292 -11.14 -12.58 -4.71
CA LEU B 292 -10.08 -11.99 -5.56
C LEU B 292 -10.47 -12.15 -7.03
N CYS B 293 -11.43 -11.35 -7.46
CA CYS B 293 -12.06 -11.49 -8.75
C CYS B 293 -12.32 -10.10 -9.29
N GLU B 294 -12.63 -9.99 -10.58
CA GLU B 294 -12.90 -8.68 -11.18
C GLU B 294 -13.86 -7.80 -10.39
N HIS B 295 -14.93 -8.36 -9.84
CA HIS B 295 -15.89 -7.55 -9.10
C HIS B 295 -15.26 -6.74 -7.97
N LEU B 296 -14.36 -7.35 -7.19
CA LEU B 296 -13.66 -6.64 -6.12
C LEU B 296 -12.68 -5.62 -6.69
N PHE B 297 -11.91 -6.03 -7.67
CA PHE B 297 -10.90 -5.15 -8.24
C PHE B 297 -11.50 -3.88 -8.94
N THR B 298 -12.67 -3.99 -9.55
CA THR B 298 -13.29 -2.82 -10.14
C THR B 298 -14.06 -1.98 -9.13
N LEU B 299 -14.60 -2.58 -8.06
CA LEU B 299 -15.30 -1.83 -7.00
C LEU B 299 -14.32 -1.09 -6.09
N ASP B 300 -13.15 -1.64 -5.91
CA ASP B 300 -12.14 -0.94 -5.11
C ASP B 300 -10.85 -1.01 -5.88
N PRO B 301 -10.66 -0.06 -6.79
CA PRO B 301 -9.40 -0.05 -7.53
C PRO B 301 -8.14 0.18 -6.74
N THR B 302 -8.26 0.55 -5.47
CA THR B 302 -7.11 0.77 -4.58
C THR B 302 -6.41 -0.50 -4.16
N VAL B 303 -7.12 -1.61 -4.31
CA VAL B 303 -6.62 -2.91 -4.01
C VAL B 303 -5.87 -3.46 -5.23
N PRO B 304 -4.69 -4.01 -5.03
CA PRO B 304 -3.99 -4.46 -6.24
C PRO B 304 -4.66 -5.69 -6.84
N PRO B 305 -4.79 -5.72 -8.16
CA PRO B 305 -5.60 -6.81 -8.72
C PRO B 305 -4.80 -8.06 -8.95
N LEU B 306 -4.43 -8.69 -7.82
CA LEU B 306 -3.66 -9.91 -7.74
C LEU B 306 -4.65 -11.10 -7.66
N PRO B 307 -4.81 -11.87 -8.75
CA PRO B 307 -5.67 -13.02 -8.69
C PRO B 307 -5.14 -14.10 -7.71
N PHE B 308 -6.02 -15.03 -7.31
CA PHE B 308 -5.60 -16.21 -6.50
C PHE B 308 -4.78 -17.18 -7.32
N ARG B 309 -3.53 -17.45 -6.93
CA ARG B 309 -2.66 -18.31 -7.74
C ARG B 309 -2.86 -19.79 -7.28
N GLU B 310 -3.80 -20.46 -7.95
CA GLU B 310 -4.18 -21.84 -7.67
C GLU B 310 -2.90 -22.71 -7.59
N GLU B 311 -2.05 -22.65 -8.62
CA GLU B 311 -0.84 -23.48 -8.67
C GLU B 311 0.06 -23.33 -7.42
N VAL B 312 0.10 -22.15 -6.79
CA VAL B 312 0.94 -21.99 -5.59
C VAL B 312 0.27 -22.66 -4.38
N TYR B 313 -1.04 -22.52 -4.28
CA TYR B 313 -1.78 -23.12 -3.17
C TYR B 313 -1.70 -24.64 -3.23
N ARG B 314 -1.79 -25.21 -4.45
CA ARG B 314 -1.77 -26.66 -4.67
C ARG B 314 -0.40 -27.29 -4.69
N SER B 315 0.65 -26.49 -4.69
CA SER B 315 2.03 -26.99 -4.74
C SER B 315 2.15 -28.04 -3.68
N SER B 316 2.89 -29.10 -3.96
CA SER B 316 3.28 -30.08 -2.94
C SER B 316 4.80 -30.18 -2.79
N ARG B 317 5.53 -29.17 -3.21
CA ARG B 317 6.97 -29.17 -3.08
C ARG B 317 7.28 -29.10 -1.59
N PRO B 318 8.37 -29.74 -1.16
CA PRO B 318 8.90 -29.52 0.18
C PRO B 318 9.10 -28.03 0.45
N LEU B 319 9.01 -27.66 1.71
CA LEU B 319 9.06 -26.29 2.17
C LEU B 319 10.19 -26.16 3.14
N ARG B 320 10.86 -25.01 3.09
CA ARG B 320 11.77 -24.65 4.15
C ARG B 320 11.00 -23.82 5.15
N VAL B 321 10.94 -24.28 6.40
CA VAL B 321 10.03 -23.75 7.40
C VAL B 321 10.82 -23.25 8.58
N GLY B 322 10.76 -21.94 8.78
CA GLY B 322 11.31 -21.34 9.99
C GLY B 322 10.40 -21.73 11.14
N TYR B 323 10.95 -21.80 12.34
CA TYR B 323 10.17 -22.08 13.51
C TYR B 323 10.82 -21.51 14.75
N TYR B 324 9.96 -21.12 15.69
CA TYR B 324 10.33 -20.89 17.07
C TYR B 324 9.23 -21.43 18.00
N GLU B 325 9.63 -21.70 19.21
CA GLU B 325 8.87 -22.39 20.20
C GLU B 325 8.27 -21.46 21.23
N THR B 326 8.96 -20.34 21.42
CA THR B 326 8.56 -19.24 22.25
C THR B 326 9.08 -17.96 21.60
N ASP B 327 8.39 -16.85 21.81
CA ASP B 327 8.86 -15.58 21.31
C ASP B 327 9.68 -14.84 22.36
N ASN B 328 9.93 -15.49 23.47
CA ASN B 328 10.69 -14.91 24.59
C ASN B 328 10.04 -13.70 25.21
N TYR B 329 8.76 -13.53 24.92
CA TYR B 329 8.01 -12.41 25.47
C TYR B 329 6.82 -12.90 26.27
N THR B 330 5.98 -13.69 25.60
CA THR B 330 4.87 -14.37 26.24
C THR B 330 5.26 -15.85 26.34
N MET B 331 5.59 -16.27 27.56
CA MET B 331 5.86 -17.69 27.79
C MET B 331 4.64 -18.47 27.38
N PRO B 332 4.84 -19.49 26.56
CA PRO B 332 3.75 -20.28 26.06
C PRO B 332 3.23 -21.24 27.13
N SER B 333 1.97 -21.63 27.00
CA SER B 333 1.41 -22.64 27.87
C SER B 333 1.97 -23.94 27.47
N PRO B 334 1.92 -24.92 28.34
CA PRO B 334 2.46 -26.22 27.90
C PRO B 334 1.80 -26.80 26.64
N ALA B 335 0.52 -26.56 26.49
CA ALA B 335 -0.20 -27.01 25.31
C ALA B 335 0.32 -26.35 24.05
N MET B 336 0.44 -25.03 24.06
CA MET B 336 1.04 -24.28 22.94
C MET B 336 2.34 -24.92 22.47
N ARG B 337 3.18 -25.21 23.44
CA ARG B 337 4.53 -25.66 23.23
C ARG B 337 4.52 -27.06 22.69
N ARG B 338 3.65 -27.90 23.24
CA ARG B 338 3.49 -29.24 22.72
C ARG B 338 2.93 -29.21 21.30
N ALA B 339 2.00 -28.31 21.07
CA ALA B 339 1.38 -28.20 19.75
C ALA B 339 2.39 -27.81 18.70
N LEU B 340 3.25 -26.87 19.06
CA LEU B 340 4.23 -26.33 18.15
C LEU B 340 5.22 -27.44 17.77
N ILE B 341 5.70 -28.14 18.80
CA ILE B 341 6.72 -29.16 18.64
C ILE B 341 6.22 -30.36 17.89
N GLU B 342 4.97 -30.74 18.12
CA GLU B 342 4.42 -31.89 17.42
C GLU B 342 4.26 -31.63 15.94
N THR B 343 3.73 -30.45 15.63
CA THR B 343 3.61 -29.97 14.25
C THR B 343 5.00 -29.92 13.58
N LYS B 344 5.97 -29.42 14.30
CA LYS B 344 7.34 -29.36 13.78
C LYS B 344 7.81 -30.75 13.39
N GLN B 345 7.67 -31.68 14.32
CA GLN B 345 8.11 -33.05 14.07
C GLN B 345 7.40 -33.73 12.92
N ARG B 346 6.11 -33.49 12.78
CA ARG B 346 5.37 -34.12 11.69
C ARG B 346 5.75 -33.48 10.37
N LEU B 347 5.90 -32.17 10.34
CA LEU B 347 6.44 -31.54 9.12
C LEU B 347 7.79 -32.21 8.76
N GLU B 348 8.68 -32.33 9.72
CA GLU B 348 10.00 -32.98 9.50
C GLU B 348 9.85 -34.35 8.85
N ALA B 349 9.02 -35.22 9.43
CA ALA B 349 8.75 -36.55 8.86
C ALA B 349 8.12 -36.52 7.45
N ALA B 350 7.31 -35.52 7.14
CA ALA B 350 6.72 -35.40 5.79
C ALA B 350 7.73 -34.87 4.76
N GLY B 351 8.91 -34.50 5.22
CA GLY B 351 10.05 -34.24 4.34
C GLY B 351 10.39 -32.76 4.15
N HIS B 352 9.88 -31.91 5.04
CA HIS B 352 10.16 -30.50 5.05
C HIS B 352 11.35 -30.24 5.94
N THR B 353 12.08 -29.19 5.61
CA THR B 353 13.20 -28.76 6.40
C THR B 353 12.72 -27.69 7.38
N LEU B 354 13.11 -27.87 8.65
CA LEU B 354 12.74 -27.01 9.78
C LEU B 354 13.95 -26.29 10.33
N ILE B 355 13.87 -24.96 10.35
CA ILE B 355 14.97 -24.12 10.64
C ILE B 355 14.64 -23.15 11.76
N PRO B 356 15.52 -23.03 12.77
CA PRO B 356 15.20 -22.09 13.87
C PRO B 356 15.30 -20.66 13.43
N PHE B 357 14.26 -19.92 13.70
CA PHE B 357 14.14 -18.56 13.22
C PHE B 357 13.35 -17.77 14.20
N LEU B 358 13.91 -16.65 14.65
CA LEU B 358 13.11 -15.70 15.42
C LEU B 358 13.28 -14.28 14.85
N PRO B 359 12.21 -13.61 14.47
CA PRO B 359 12.38 -12.23 14.13
C PRO B 359 13.12 -11.42 15.17
N ASN B 360 13.98 -10.50 14.69
CA ASN B 360 14.81 -9.69 15.57
C ASN B 360 13.98 -8.68 16.32
N ASN B 361 14.44 -8.24 17.50
CA ASN B 361 13.84 -7.14 18.27
C ASN B 361 12.32 -7.18 18.42
N ILE B 362 11.80 -8.34 18.78
CA ILE B 362 10.37 -8.43 19.07
C ILE B 362 9.93 -7.41 20.12
N PRO B 363 10.68 -7.31 21.21
CA PRO B 363 10.17 -6.37 22.24
C PRO B 363 9.95 -4.95 21.72
N TYR B 364 10.82 -4.48 20.83
CA TYR B 364 10.71 -3.12 20.29
C TYR B 364 9.63 -3.05 19.24
N ALA B 365 9.45 -4.10 18.48
CA ALA B 365 8.34 -4.18 17.56
C ALA B 365 6.97 -4.06 18.27
N LEU B 366 6.84 -4.64 19.47
CA LEU B 366 5.58 -4.63 20.19
C LEU B 366 5.43 -3.34 20.99
N GLU B 367 6.46 -3.03 21.76
CA GLU B 367 6.40 -1.95 22.73
C GLU B 367 6.48 -0.61 22.04
N VAL B 368 7.34 -0.46 21.02
CA VAL B 368 7.55 0.83 20.38
C VAL B 368 6.78 1.03 19.08
N LEU B 369 6.96 0.11 18.14
CA LEU B 369 6.35 0.26 16.81
C LEU B 369 4.85 -0.05 16.83
N SER B 370 4.48 -1.22 17.37
CA SER B 370 3.05 -1.62 17.37
C SER B 370 2.20 -0.68 18.27
N THR B 371 2.63 -0.53 19.52
CA THR B 371 1.96 0.32 20.44
C THR B 371 1.96 1.78 19.96
N GLY B 372 3.10 2.29 19.50
CA GLY B 372 3.16 3.65 19.07
C GLY B 372 2.33 3.93 17.84
N GLY B 373 2.28 3.00 16.91
CA GLY B 373 1.52 3.23 15.73
C GLY B 373 0.00 3.13 15.99
N LEU B 374 -0.40 2.26 16.95
CA LEU B 374 -1.84 2.18 17.22
C LEU B 374 -2.26 3.39 18.03
N PHE B 375 -1.37 3.90 18.88
CA PHE B 375 -1.75 4.99 19.76
C PHE B 375 -0.83 6.21 19.60
N SER B 376 -0.53 6.61 18.36
CA SER B 376 0.39 7.74 18.09
C SER B 376 -0.16 9.04 18.62
N ASP B 377 -1.50 9.10 18.76
CA ASP B 377 -2.18 10.32 19.20
C ASP B 377 -2.62 10.21 20.63
N GLY B 378 -2.09 9.22 21.33
CA GLY B 378 -2.27 9.09 22.77
C GLY B 378 -3.57 8.43 23.19
N GLY B 379 -4.36 8.01 22.22
CA GLY B 379 -5.67 7.42 22.50
C GLY B 379 -6.84 8.34 22.20
N ARG B 380 -6.57 9.60 21.88
CA ARG B 380 -7.62 10.58 21.87
C ARG B 380 -8.71 10.24 20.85
N SER B 381 -8.34 9.88 19.63
CA SER B 381 -9.34 9.55 18.60
C SER B 381 -10.18 8.32 18.98
N PHE B 382 -9.51 7.29 19.46
CA PHE B 382 -10.16 6.10 19.96
C PHE B 382 -11.13 6.44 21.08
N LEU B 383 -10.66 7.11 22.13
CA LEU B 383 -11.47 7.49 23.25
C LEU B 383 -12.79 8.22 22.96
N GLN B 384 -12.81 9.03 21.93
CA GLN B 384 -14.04 9.70 21.48
C GLN B 384 -15.21 8.75 21.35
N ASN B 385 -14.95 7.52 20.92
CA ASN B 385 -16.01 6.55 20.70
C ASN B 385 -16.69 6.13 22.00
N PHE B 386 -16.12 6.53 23.13
CA PHE B 386 -16.59 6.10 24.43
C PHE B 386 -17.25 7.22 25.24
N LYS B 387 -17.43 8.40 24.66
CA LYS B 387 -18.05 9.49 25.39
C LYS B 387 -19.47 9.16 25.72
N GLY B 388 -19.77 9.23 27.01
CA GLY B 388 -21.10 8.94 27.44
C GLY B 388 -21.49 7.47 27.46
N ASP B 389 -20.59 6.57 27.04
CA ASP B 389 -20.90 5.14 27.01
C ASP B 389 -20.35 4.44 28.23
N PHE B 390 -20.98 3.33 28.66
CA PHE B 390 -20.39 2.40 29.66
C PHE B 390 -19.14 1.77 29.06
N VAL B 391 -18.27 1.29 29.93
CA VAL B 391 -17.12 0.52 29.51
C VAL B 391 -17.25 -0.95 29.92
N ASP B 392 -17.39 -1.82 28.93
CA ASP B 392 -17.52 -3.29 29.20
C ASP B 392 -16.35 -3.69 30.02
N PRO B 393 -16.58 -4.45 31.08
CA PRO B 393 -15.42 -4.82 31.92
C PRO B 393 -14.42 -5.73 31.22
N CYS B 394 -14.73 -6.17 29.99
CA CYS B 394 -13.84 -7.02 29.25
C CYS B 394 -12.74 -6.21 28.64
N LEU B 395 -12.90 -4.92 28.65
CA LEU B 395 -11.76 -4.02 28.29
C LEU B 395 -10.78 -3.80 29.43
N GLY B 396 -11.08 -4.28 30.63
CA GLY B 396 -10.25 -3.98 31.80
C GLY B 396 -10.05 -2.49 32.02
N ASP B 397 -8.81 -2.09 32.29
CA ASP B 397 -8.51 -0.69 32.55
C ASP B 397 -8.00 0.04 31.33
N LEU B 398 -8.10 -0.57 30.16
CA LEU B 398 -7.57 0.07 28.93
C LEU B 398 -8.01 1.52 28.83
N ILE B 399 -9.32 1.75 29.00
CA ILE B 399 -9.86 3.09 28.80
C ILE B 399 -9.42 4.05 29.88
N LEU B 400 -9.50 3.61 31.11
CA LEU B 400 -9.00 4.39 32.21
C LEU B 400 -7.54 4.85 31.97
N ILE B 401 -6.69 3.90 31.58
CA ILE B 401 -5.29 4.17 31.31
C ILE B 401 -5.07 5.16 30.15
N LEU B 402 -5.85 5.02 29.08
CA LEU B 402 -5.71 5.88 27.89
C LEU B 402 -6.08 7.33 28.19
N ARG B 403 -6.99 7.55 29.15
CA ARG B 403 -7.48 8.89 29.49
C ARG B 403 -6.52 9.68 30.32
N LEU B 404 -5.53 8.99 30.86
CA LEU B 404 -4.52 9.62 31.70
C LEU B 404 -3.72 10.71 30.93
N PRO B 405 -3.53 11.86 31.56
CA PRO B 405 -2.70 12.87 30.90
C PRO B 405 -1.31 12.35 30.51
N SER B 406 -0.83 12.74 29.32
CA SER B 406 0.50 12.36 28.80
C SER B 406 1.63 12.38 29.83
N TRP B 407 1.71 13.47 30.58
CA TRP B 407 2.74 13.62 31.63
C TRP B 407 2.68 12.55 32.74
N PHE B 408 1.46 12.18 33.14
CA PHE B 408 1.25 11.16 34.18
C PHE B 408 1.54 9.75 33.62
N LYS B 409 1.18 9.48 32.37
CA LYS B 409 1.66 8.28 31.70
C LYS B 409 3.19 8.22 31.73
N ARG B 410 3.88 9.35 31.57
CA ARG B 410 5.36 9.39 31.62
C ARG B 410 5.91 9.14 33.05
N LEU B 411 5.47 9.94 34.02
CA LEU B 411 5.85 9.75 35.43
C LEU B 411 5.60 8.31 35.91
N LEU B 412 4.46 7.75 35.53
CA LEU B 412 4.14 6.39 35.92
C LEU B 412 5.08 5.40 35.26
N SER B 413 5.47 5.74 34.03
CA SER B 413 6.37 4.92 33.24
C SER B 413 7.76 4.90 33.85
N LEU B 414 8.19 6.05 34.41
CA LEU B 414 9.51 6.14 35.02
C LEU B 414 9.56 5.40 36.36
N LEU B 415 8.46 5.49 37.12
CA LEU B 415 8.29 4.71 38.37
C LEU B 415 8.38 3.18 38.19
N LEU B 416 7.64 2.65 37.24
CA LEU B 416 7.56 1.22 37.09
C LEU B 416 8.75 0.60 36.39
N LYS B 417 9.57 1.43 35.75
CA LYS B 417 10.53 0.89 34.80
C LYS B 417 11.47 -0.15 35.42
N PRO B 418 12.02 0.12 36.61
CA PRO B 418 12.94 -0.88 37.16
C PRO B 418 12.21 -2.18 37.59
N LEU B 419 10.99 -2.05 38.11
CA LEU B 419 10.21 -3.22 38.53
C LEU B 419 9.63 -3.99 37.36
N PHE B 420 8.84 -3.32 36.54
CA PHE B 420 8.03 -4.00 35.53
C PHE B 420 8.18 -3.31 34.20
N PRO B 421 9.34 -3.48 33.56
CA PRO B 421 9.71 -2.65 32.40
C PRO B 421 8.74 -2.77 31.24
N ARG B 422 8.06 -3.90 31.16
CA ARG B 422 7.14 -4.16 30.07
C ARG B 422 5.91 -3.22 30.20
N LEU B 423 5.35 -3.17 31.40
CA LEU B 423 4.32 -2.19 31.71
C LEU B 423 4.75 -0.73 31.46
N ALA B 424 5.95 -0.41 31.90
CA ALA B 424 6.50 0.91 31.68
C ALA B 424 6.59 1.26 30.17
N ALA B 425 7.00 0.30 29.34
CA ALA B 425 7.16 0.50 27.92
C ALA B 425 5.82 0.69 27.21
N PHE B 426 4.83 -0.13 27.51
CA PHE B 426 3.55 0.02 26.82
C PHE B 426 3.02 1.40 27.20
N LEU B 427 3.12 1.74 28.47
CA LEU B 427 2.58 3.00 28.93
C LEU B 427 3.22 4.24 28.32
N ASN B 428 4.51 4.22 28.08
CA ASN B 428 5.24 5.39 27.59
C ASN B 428 5.00 5.60 26.08
N ASN B 429 4.76 4.50 25.39
CA ASN B 429 4.59 4.53 23.96
C ASN B 429 3.16 4.79 23.53
N MET B 430 2.28 5.02 24.52
CA MET B 430 0.88 5.40 24.29
C MET B 430 0.66 6.89 24.44
N ARG B 431 1.70 7.67 24.31
CA ARG B 431 1.61 9.07 24.51
C ARG B 431 1.41 9.71 23.16
N PRO B 432 0.86 10.94 23.16
CA PRO B 432 0.66 11.64 21.93
C PRO B 432 2.01 12.22 21.47
N ARG B 433 2.08 12.62 20.22
CA ARG B 433 3.29 13.09 19.65
C ARG B 433 2.98 13.84 18.35
N SER B 434 4.03 14.41 17.79
CA SER B 434 3.87 15.24 16.63
C SER B 434 3.84 14.40 15.38
N ALA B 435 3.50 15.05 14.28
CA ALA B 435 3.55 14.41 12.99
C ALA B 435 4.99 14.03 12.60
N GLU B 436 5.94 14.88 13.00
CA GLU B 436 7.39 14.60 12.81
C GLU B 436 7.79 13.26 13.47
N LYS B 437 7.30 12.99 14.69
CA LYS B 437 7.69 11.75 15.36
C LYS B 437 6.92 10.60 14.72
N LEU B 438 5.69 10.85 14.29
CA LEU B 438 4.98 9.79 13.58
C LEU B 438 5.74 9.39 12.30
N TRP B 439 6.34 10.35 11.61
CA TRP B 439 7.12 10.04 10.41
C TRP B 439 8.27 9.16 10.80
N LYS B 440 9.00 9.56 11.82
CA LYS B 440 10.10 8.74 12.26
C LYS B 440 9.58 7.30 12.64
N LEU B 441 8.44 7.21 13.33
CA LEU B 441 7.94 5.91 13.68
C LEU B 441 7.59 5.13 12.42
N GLN B 442 7.01 5.79 11.43
CA GLN B 442 6.57 5.08 10.20
C GLN B 442 7.79 4.55 9.46
N HIS B 443 8.85 5.36 9.46
CA HIS B 443 10.07 4.94 8.88
C HIS B 443 10.68 3.72 9.59
N GLU B 444 10.70 3.76 10.92
CA GLU B 444 11.14 2.59 11.66
C GLU B 444 10.31 1.36 11.38
N ILE B 445 9.01 1.51 11.27
CA ILE B 445 8.17 0.38 10.89
C ILE B 445 8.60 -0.19 9.55
N GLU B 446 8.94 0.70 8.62
CA GLU B 446 9.32 0.26 7.29
C GLU B 446 10.66 -0.49 7.31
N MET B 447 11.60 0.02 8.06
CA MET B 447 12.89 -0.61 8.12
C MET B 447 12.85 -1.88 8.94
N TYR B 448 12.02 -1.90 9.98
CA TYR B 448 11.80 -3.14 10.69
C TYR B 448 11.27 -4.19 9.74
N ARG B 449 10.32 -3.82 8.91
CA ARG B 449 9.76 -4.78 7.98
C ARG B 449 10.85 -5.36 7.04
N GLN B 450 11.71 -4.48 6.56
CA GLN B 450 12.81 -4.91 5.71
C GLN B 450 13.87 -5.75 6.42
N SER B 451 14.17 -5.41 7.67
CA SER B 451 15.08 -6.18 8.47
C SER B 451 14.61 -7.65 8.59
N VAL B 452 13.35 -7.85 8.90
CA VAL B 452 12.87 -9.22 9.03
C VAL B 452 12.82 -9.94 7.68
N ILE B 453 12.52 -9.22 6.60
CA ILE B 453 12.55 -9.83 5.27
C ILE B 453 13.97 -10.34 4.94
N ALA B 454 14.96 -9.56 5.35
CA ALA B 454 16.33 -9.88 5.10
C ALA B 454 16.77 -11.13 5.89
N GLN B 455 16.31 -11.28 7.13
CA GLN B 455 16.67 -12.45 7.93
C GLN B 455 16.11 -13.68 7.21
N TRP B 456 14.85 -13.54 6.82
CA TRP B 456 14.09 -14.57 6.15
C TRP B 456 14.77 -15.03 4.90
N LYS B 457 15.29 -14.08 4.12
CA LYS B 457 15.98 -14.40 2.87
C LYS B 457 17.36 -14.98 3.15
N ALA B 458 18.00 -14.54 4.23
CA ALA B 458 19.31 -15.09 4.58
C ALA B 458 19.22 -16.59 4.97
N MET B 459 18.12 -17.04 5.57
CA MET B 459 17.93 -18.44 5.87
C MET B 459 17.17 -19.11 4.74
N ASN B 460 16.85 -18.37 3.71
CA ASN B 460 16.10 -18.87 2.58
C ASN B 460 14.77 -19.62 2.88
N LEU B 461 14.02 -19.07 3.81
CA LEU B 461 12.73 -19.61 4.22
C LEU B 461 11.69 -19.47 3.15
N ASP B 462 10.70 -20.36 3.16
CA ASP B 462 9.50 -20.24 2.38
C ASP B 462 8.37 -19.79 3.26
N VAL B 463 8.32 -20.31 4.48
CA VAL B 463 7.23 -20.01 5.41
C VAL B 463 7.73 -20.08 6.81
N LEU B 464 6.90 -19.66 7.75
CA LEU B 464 7.30 -19.61 9.15
C LEU B 464 6.18 -20.17 10.05
N LEU B 465 6.58 -20.98 11.03
CA LEU B 465 5.69 -21.68 11.95
C LEU B 465 5.92 -21.12 13.34
N THR B 466 4.87 -20.64 14.00
CA THR B 466 5.01 -20.04 15.32
C THR B 466 3.95 -20.52 16.25
N PRO B 467 4.18 -20.36 17.54
CA PRO B 467 3.07 -20.66 18.43
C PRO B 467 1.95 -19.67 18.27
N MET B 468 0.75 -20.07 18.67
CA MET B 468 -0.41 -19.27 18.74
C MET B 468 -1.04 -19.34 20.13
N LEU B 469 -1.45 -18.20 20.64
CA LEU B 469 -1.94 -18.09 21.97
C LEU B 469 -3.13 -19.04 22.13
N GLY B 470 -3.08 -19.82 23.19
CA GLY B 470 -4.08 -20.79 23.57
C GLY B 470 -3.65 -21.56 24.81
N PRO B 471 -4.57 -22.32 25.42
CA PRO B 471 -5.98 -22.43 25.12
C PRO B 471 -6.76 -21.17 25.46
N ALA B 472 -8.05 -21.14 25.11
CA ALA B 472 -8.86 -19.99 25.45
C ALA B 472 -8.69 -19.53 26.89
N LEU B 473 -8.70 -18.23 27.08
CA LEU B 473 -8.64 -17.65 28.43
C LEU B 473 -10.01 -17.54 29.08
N ASP B 474 -10.04 -17.35 30.39
CA ASP B 474 -11.29 -17.09 31.06
C ASP B 474 -11.88 -15.77 30.62
N LEU B 475 -13.19 -15.69 30.69
CA LEU B 475 -13.89 -14.46 30.37
C LEU B 475 -13.35 -13.30 31.24
N ASN B 476 -13.27 -12.15 30.60
CA ASN B 476 -12.75 -10.89 31.21
C ASN B 476 -11.27 -10.92 31.63
N THR B 477 -10.53 -11.89 31.13
CA THR B 477 -9.09 -11.90 31.32
C THR B 477 -8.28 -11.31 30.16
N PRO B 478 -8.77 -11.41 28.88
CA PRO B 478 -7.87 -10.90 27.84
C PRO B 478 -7.51 -9.45 27.99
N GLY B 479 -8.44 -8.64 28.45
CA GLY B 479 -8.17 -7.22 28.60
C GLY B 479 -7.29 -6.93 29.81
N ARG B 480 -6.81 -7.97 30.53
CA ARG B 480 -5.82 -7.77 31.59
C ARG B 480 -4.53 -8.53 31.34
N ALA B 481 -4.48 -9.19 30.19
CA ALA B 481 -3.28 -9.90 29.73
C ALA B 481 -2.87 -9.35 28.31
N THR B 482 -2.62 -8.07 28.25
CA THR B 482 -2.27 -7.43 26.99
C THR B 482 -1.00 -7.98 26.32
N GLY B 483 -0.03 -8.38 27.11
CA GLY B 483 1.27 -8.87 26.60
C GLY B 483 1.18 -10.09 25.74
N ALA B 484 0.16 -10.88 26.01
CA ALA B 484 -0.11 -12.08 25.28
C ALA B 484 -0.50 -11.88 23.82
N VAL B 485 -0.73 -10.65 23.38
CA VAL B 485 -0.94 -10.42 21.94
C VAL B 485 0.42 -10.55 21.17
N SER B 486 1.51 -10.76 21.89
CA SER B 486 2.83 -10.79 21.28
C SER B 486 2.89 -11.72 20.11
N TYR B 487 2.32 -12.93 20.20
CA TYR B 487 2.41 -13.89 19.08
C TYR B 487 1.80 -13.43 17.79
N THR B 488 0.73 -12.65 17.89
CA THR B 488 -0.08 -12.28 16.75
C THR B 488 0.25 -10.90 16.29
N MET B 489 0.34 -9.95 17.21
CA MET B 489 0.54 -8.60 16.81
C MET B 489 1.84 -8.35 16.03
N LEU B 490 2.83 -9.20 16.23
CA LEU B 490 4.09 -9.04 15.52
C LEU B 490 3.86 -9.00 14.02
N TYR B 491 2.89 -9.77 13.53
CA TYR B 491 2.66 -9.86 12.08
C TYR B 491 1.69 -8.83 11.55
N ASN B 492 1.01 -8.12 12.46
CA ASN B 492 0.28 -6.94 12.05
C ASN B 492 1.31 -5.80 11.81
N CYS B 493 2.27 -5.70 12.71
CA CYS B 493 3.39 -4.77 12.60
C CYS B 493 4.22 -4.98 11.32
N LEU B 494 4.52 -6.22 11.01
CA LEU B 494 5.22 -6.59 9.78
C LEU B 494 4.30 -6.69 8.57
N ASP B 495 2.99 -6.84 8.79
CA ASP B 495 2.02 -6.93 7.67
C ASP B 495 2.40 -8.11 6.77
N PHE B 496 2.52 -9.27 7.41
CA PHE B 496 2.76 -10.54 6.69
C PHE B 496 1.46 -11.28 6.81
N PRO B 497 1.12 -12.06 5.80
CA PRO B 497 -0.02 -12.95 6.02
C PRO B 497 0.25 -13.94 7.11
N ALA B 498 -0.79 -14.23 7.90
CA ALA B 498 -0.60 -15.07 9.04
C ALA B 498 -1.94 -15.76 9.32
N GLY B 499 -1.94 -17.09 9.46
CA GLY B 499 -3.19 -17.83 9.66
C GLY B 499 -3.00 -18.81 10.79
N VAL B 500 -4.10 -19.38 11.32
CA VAL B 500 -3.99 -20.37 12.37
C VAL B 500 -4.77 -21.61 12.03
N VAL B 501 -4.24 -22.76 12.44
CA VAL B 501 -4.83 -24.08 12.17
C VAL B 501 -4.87 -24.85 13.49
N PRO B 502 -6.05 -25.32 13.91
CA PRO B 502 -6.05 -26.13 15.17
C PRO B 502 -5.38 -27.41 14.95
N VAL B 503 -4.50 -27.81 15.87
CA VAL B 503 -3.79 -29.09 15.73
C VAL B 503 -3.94 -30.14 16.87
N THR B 504 -4.33 -29.73 18.06
CA THR B 504 -4.50 -30.66 19.17
C THR B 504 -5.44 -30.07 20.23
N THR B 505 -5.64 -30.83 21.30
CA THR B 505 -6.44 -30.37 22.41
C THR B 505 -5.70 -30.50 23.72
N VAL B 506 -6.02 -29.60 24.64
CA VAL B 506 -5.43 -29.62 25.99
C VAL B 506 -5.74 -30.91 26.77
N THR B 507 -4.65 -31.55 27.17
CA THR B 507 -4.72 -32.70 27.98
C THR B 507 -4.64 -32.34 29.46
N ALA B 508 -5.11 -33.26 30.27
CA ALA B 508 -5.01 -33.11 31.69
C ALA B 508 -3.53 -32.84 32.12
N GLU B 509 -2.59 -33.59 31.56
CA GLU B 509 -1.15 -33.33 31.76
C GLU B 509 -0.77 -31.89 31.41
N ASP B 510 -1.19 -31.40 30.24
CA ASP B 510 -0.91 -29.98 29.87
C ASP B 510 -1.42 -28.99 30.90
N ASP B 511 -2.63 -29.24 31.40
CA ASP B 511 -3.33 -28.29 32.25
C ASP B 511 -2.68 -28.29 33.65
N ALA B 512 -2.29 -29.46 34.14
CA ALA B 512 -1.64 -29.55 35.45
C ALA B 512 -0.33 -28.77 35.35
N GLN B 513 0.32 -28.84 34.20
CA GLN B 513 1.59 -28.16 34.06
C GLN B 513 1.47 -26.68 34.23
N MET B 514 0.30 -26.10 34.05
CA MET B 514 0.17 -24.67 34.22
C MET B 514 0.53 -24.19 35.60
N GLU B 515 0.58 -25.06 36.58
CA GLU B 515 0.96 -24.66 37.94
C GLU B 515 2.47 -24.34 37.97
N LEU B 516 3.23 -24.86 37.01
CA LEU B 516 4.63 -24.52 36.91
C LEU B 516 4.95 -23.29 36.04
N TYR B 517 3.93 -22.66 35.47
CA TYR B 517 4.11 -21.50 34.59
C TYR B 517 4.40 -20.23 35.43
N LYS B 518 5.44 -19.51 35.04
CA LYS B 518 5.82 -18.29 35.73
C LYS B 518 5.82 -17.09 34.75
N GLY B 519 6.10 -17.31 33.48
CA GLY B 519 6.19 -16.18 32.57
C GLY B 519 7.61 -15.64 32.68
N TYR B 520 7.98 -14.80 31.74
CA TYR B 520 9.38 -14.35 31.65
C TYR B 520 9.59 -13.08 32.46
N PHE B 521 8.50 -12.37 32.75
CA PHE B 521 8.55 -11.10 33.46
C PHE B 521 8.03 -11.15 34.89
N GLY B 522 7.02 -11.96 35.17
CA GLY B 522 6.41 -11.99 36.52
C GLY B 522 5.59 -10.76 36.85
N ASP B 523 5.14 -10.04 35.81
CA ASP B 523 4.36 -8.82 36.01
C ASP B 523 2.87 -9.16 36.06
N ILE B 524 2.02 -8.19 36.29
CA ILE B 524 0.59 -8.51 36.35
C ILE B 524 0.08 -9.27 35.08
N TRP B 525 0.51 -8.89 33.88
CA TRP B 525 0.09 -9.66 32.69
C TRP B 525 0.46 -11.16 32.72
N ASP B 526 1.62 -11.47 33.25
CA ASP B 526 2.03 -12.86 33.36
C ASP B 526 1.15 -13.58 34.38
N ILE B 527 0.79 -12.88 35.45
CA ILE B 527 0.09 -13.49 36.56
C ILE B 527 -1.33 -13.82 36.13
N ILE B 528 -1.99 -12.85 35.54
CA ILE B 528 -3.31 -13.02 34.96
C ILE B 528 -3.32 -14.15 33.94
N LEU B 529 -2.34 -14.17 33.07
CA LEU B 529 -2.36 -15.17 32.02
C LEU B 529 -2.25 -16.58 32.58
N LYS B 530 -1.37 -16.78 33.56
CA LYS B 530 -1.30 -18.05 34.25
C LYS B 530 -2.70 -18.55 34.73
N LYS B 531 -3.40 -17.74 35.51
CA LYS B 531 -4.70 -18.14 36.04
C LYS B 531 -5.66 -18.36 34.90
N ALA B 532 -5.57 -17.52 33.88
CA ALA B 532 -6.57 -17.44 32.84
C ALA B 532 -6.55 -18.63 31.90
N MET B 533 -5.40 -19.25 31.70
CA MET B 533 -5.27 -20.41 30.81
C MET B 533 -5.48 -21.72 31.55
N LYS B 534 -5.62 -21.64 32.87
CA LYS B 534 -5.92 -22.82 33.70
C LYS B 534 -7.34 -23.33 33.41
N ASN B 535 -7.62 -24.50 33.95
CA ASN B 535 -8.88 -25.16 33.76
C ASN B 535 -9.37 -25.18 32.30
N SER B 536 -8.61 -25.87 31.43
CA SER B 536 -8.78 -25.79 29.98
C SER B 536 -8.72 -27.15 29.29
N VAL B 537 -8.80 -28.22 30.07
CA VAL B 537 -8.73 -29.56 29.51
C VAL B 537 -9.78 -29.71 28.42
N GLY B 538 -9.46 -30.36 27.30
CA GLY B 538 -10.41 -30.58 26.21
C GLY B 538 -10.49 -29.48 25.16
N LEU B 539 -9.92 -28.28 25.42
CA LEU B 539 -10.04 -27.10 24.52
C LEU B 539 -9.01 -27.13 23.41
N PRO B 540 -9.37 -26.62 22.21
CA PRO B 540 -8.42 -26.74 21.10
C PRO B 540 -7.27 -25.74 21.23
N VAL B 541 -6.16 -26.09 20.62
CA VAL B 541 -4.98 -25.26 20.58
C VAL B 541 -4.45 -25.27 19.17
N ALA B 542 -3.95 -24.13 18.71
CA ALA B 542 -3.43 -24.01 17.32
C ALA B 542 -1.94 -23.67 17.24
N VAL B 543 -1.46 -23.67 15.99
CA VAL B 543 -0.26 -23.01 15.59
C VAL B 543 -0.55 -21.92 14.54
N GLN B 544 0.49 -21.12 14.23
CA GLN B 544 0.40 -20.03 13.33
C GLN B 544 1.35 -20.23 12.17
N CYS B 545 0.85 -19.92 11.01
CA CYS B 545 1.57 -20.12 9.79
C CYS B 545 1.68 -18.72 9.15
N VAL B 546 2.88 -18.38 8.70
CA VAL B 546 3.21 -17.08 8.20
C VAL B 546 3.99 -17.23 6.90
N ALA B 547 3.68 -16.41 5.90
CA ALA B 547 4.51 -16.27 4.69
C ALA B 547 4.82 -14.79 4.50
N LEU B 548 5.62 -14.48 3.49
CA LEU B 548 5.96 -13.10 3.18
C LEU B 548 4.72 -12.32 2.68
N PRO B 549 4.83 -10.98 2.62
CA PRO B 549 3.73 -10.16 2.06
C PRO B 549 3.25 -10.59 0.71
N TRP B 550 1.97 -10.56 0.49
CA TRP B 550 1.35 -10.92 -0.78
C TRP B 550 1.38 -12.45 -1.13
N GLN B 551 1.86 -13.26 -0.18
CA GLN B 551 1.95 -14.73 -0.38
C GLN B 551 0.85 -15.52 0.41
N GLU B 552 -0.37 -15.02 0.36
CA GLU B 552 -1.52 -15.67 0.98
C GLU B 552 -1.63 -17.11 0.49
N GLU B 553 -1.36 -17.34 -0.79
CA GLU B 553 -1.52 -18.68 -1.32
C GLU B 553 -0.56 -19.70 -0.76
N LEU B 554 0.70 -19.30 -0.62
CA LEU B 554 1.70 -20.12 0.01
C LEU B 554 1.44 -20.40 1.48
N CYS B 555 1.00 -19.37 2.20
CA CYS B 555 0.61 -19.48 3.60
C CYS B 555 -0.50 -20.54 3.70
N LEU B 556 -1.49 -20.43 2.85
CA LEU B 556 -2.61 -21.37 2.85
C LEU B 556 -2.12 -22.78 2.48
N ARG B 557 -1.13 -22.85 1.62
CA ARG B 557 -0.53 -24.16 1.24
C ARG B 557 0.11 -24.80 2.42
N PHE B 558 0.85 -24.00 3.17
CA PHE B 558 1.46 -24.46 4.41
C PHE B 558 0.41 -24.84 5.48
N MET B 559 -0.59 -23.99 5.66
CA MET B 559 -1.69 -24.27 6.54
C MET B 559 -2.42 -25.57 6.12
N ARG B 560 -2.62 -25.74 4.81
CA ARG B 560 -3.21 -26.96 4.31
C ARG B 560 -2.35 -28.15 4.71
N GLU B 561 -1.03 -28.01 4.67
CA GLU B 561 -0.12 -29.09 5.02
C GLU B 561 -0.17 -29.42 6.52
N VAL B 562 -0.21 -28.40 7.37
CA VAL B 562 -0.27 -28.59 8.80
C VAL B 562 -1.58 -29.31 9.11
N GLU B 563 -2.65 -28.92 8.46
CA GLU B 563 -3.96 -29.56 8.67
C GLU B 563 -3.90 -31.03 8.35
N GLN B 564 -3.35 -31.35 7.19
CA GLN B 564 -3.26 -32.71 6.72
C GLN B 564 -2.50 -33.56 7.75
N LEU B 565 -1.38 -33.05 8.24
CA LEU B 565 -0.51 -33.86 9.06
C LEU B 565 -0.98 -34.05 10.49
N MET B 566 -1.61 -33.04 11.05
CA MET B 566 -2.07 -33.13 12.44
C MET B 566 -3.53 -33.59 12.54
N THR B 567 -4.33 -33.30 11.52
CA THR B 567 -5.79 -33.60 11.53
C THR B 567 -6.19 -34.16 10.15
N PRO B 568 -5.61 -35.32 9.77
CA PRO B 568 -5.83 -35.95 8.44
C PRO B 568 -7.31 -35.96 7.92
N GLN B 569 -8.27 -36.17 8.83
CA GLN B 569 -9.74 -36.33 8.54
C GLN B 569 -10.47 -35.17 7.81
N LYS B 570 -10.15 -33.91 8.11
CA LYS B 570 -10.72 -32.80 7.32
C LYS B 570 -10.21 -32.64 5.84
N GLN B 571 -9.36 -33.57 5.35
CA GLN B 571 -9.02 -33.76 3.89
C GLN B 571 -9.16 -35.25 3.51
C18 BR1 C . 12.05 15.19 -3.72
C19 BR1 C . 12.78 15.12 -2.52
C20 BR1 C . 13.20 13.86 -2.11
C21 BR1 C . 14.06 13.63 -0.91
C22 BR1 C . 12.89 12.69 -2.86
N2 BR1 C . 12.20 12.75 -4.01
C17 BR1 C . 11.77 13.98 -4.41
C16 BR1 C . 11.05 14.02 -5.64
O2 BR1 C . 10.54 15.14 -6.18
C15 BR1 C . 10.86 12.94 -6.47
N1 BR1 C . 10.16 13.42 -7.56
C14 BR1 C . 9.99 14.73 -7.37
C1 BR1 C . 9.28 15.67 -8.30
O1 BR1 C . 8.01 15.13 -8.68
C2 BR1 C . 9.12 17.03 -7.52
C3 BR1 C . 8.37 18.11 -8.37
C4 BR1 C . 8.30 19.39 -7.50
C5 BR1 C . 7.11 19.30 -6.56
C6 BR1 C . 7.01 20.68 -5.94
C7 BR1 C . 5.61 20.71 -5.29
C8 BR1 C . 5.43 21.68 -4.25
C9 BR1 C . 6.29 22.76 -3.98
C10 BR1 C . 6.02 23.63 -2.91
C11 BR1 C . 4.90 23.45 -2.09
C12 BR1 C . 4.03 22.39 -2.37
C13 BR1 C . 4.29 21.53 -3.44
C1 PEG D . -1.70 23.26 12.59
O1 PEG D . -2.56 23.50 13.71
C2 PEG D . -2.57 22.60 11.55
O2 PEG D . -1.94 22.73 10.28
C3 PEG D . -2.87 22.64 9.19
C4 PEG D . -3.59 23.98 8.97
O4 PEG D . -4.97 23.77 8.66
C1 PEG E . -10.36 30.77 -10.06
O1 PEG E . -10.56 31.45 -8.79
C2 PEG E . -11.48 29.82 -10.47
O2 PEG E . -11.39 29.51 -11.89
C3 PEG E . -12.63 29.12 -12.52
C4 PEG E . -13.00 30.11 -13.62
O4 PEG E . -13.05 29.43 -14.90
C18 BR1 F . -10.47 -2.34 16.43
C19 BR1 F . -11.02 -1.09 16.47
C20 BR1 F . -11.64 -0.65 15.31
C21 BR1 F . -12.33 0.70 15.24
C22 BR1 F . -11.64 -1.45 14.13
N2 BR1 F . -11.06 -2.67 14.07
C17 BR1 F . -10.50 -3.12 15.23
C16 BR1 F . -9.88 -4.43 15.25
O2 BR1 F . -9.33 -5.01 16.36
C15 BR1 F . -9.84 -5.26 14.14
N1 BR1 F . -9.21 -6.39 14.54
C14 BR1 F . -8.93 -6.22 15.87
C1 BR1 F . -8.23 -7.24 16.75
O1 BR1 F . -7.03 -7.59 16.02
C2 BR1 F . -7.86 -6.61 18.11
C3 BR1 F . -6.90 -7.60 18.84
C4 BR1 F . -6.55 -7.02 20.25
C5 BR1 F . -5.48 -5.98 20.05
C6 BR1 F . -5.20 -5.31 21.38
C7 BR1 F . -3.76 -4.87 21.18
C8 BR1 F . -3.27 -3.88 22.08
C9 BR1 F . -3.90 -3.52 23.29
C10 BR1 F . -3.32 -2.54 24.12
C11 BR1 F . -2.09 -1.92 23.77
C12 BR1 F . -1.46 -2.33 22.59
C13 BR1 F . -2.01 -3.30 21.76
C1 PEG G . 13.81 -10.08 30.11
O1 PEG G . 12.98 -10.56 31.18
C2 PEG G . 14.31 -11.26 29.28
O2 PEG G . 13.29 -12.27 29.12
C3 PEG G . 13.44 -12.97 27.88
C4 PEG G . 12.88 -14.37 27.97
O4 PEG G . 13.93 -15.33 27.71
C1 PEG H . 6.75 11.31 23.33
O1 PEG H . 7.41 12.53 23.00
C2 PEG H . 6.63 10.41 22.10
O2 PEG H . 6.26 9.07 22.47
C3 PEG H . 7.29 8.08 22.32
C4 PEG H . 8.45 8.31 23.31
O4 PEG H . 9.36 7.21 23.30
C1 PEG I . 16.53 1.56 14.77
O1 PEG I . 16.34 2.62 15.75
C2 PEG I . 17.16 0.26 15.30
O2 PEG I . 16.23 -0.51 16.09
C3 PEG I . 16.81 -1.45 17.02
C4 PEG I . 16.08 -1.48 18.36
O4 PEG I . 16.90 -0.98 19.43
CL CL J . -0.18 -1.71 -1.72
#